data_1NRA
# 
_entry.id   1NRA 
# 
_audit_conform.dict_name       mmcif_pdbx.dic 
_audit_conform.dict_version    5.398 
_audit_conform.dict_location   http://mmcif.pdb.org/dictionaries/ascii/mmcif_pdbx.dic 
# 
loop_
_database_2.database_id 
_database_2.database_code 
_database_2.pdbx_database_accession 
_database_2.pdbx_DOI 
PDB   1NRA         pdb_00001nra 10.2210/pdb1nra/pdb 
WWPDB D_1000175367 ?            ?                   
# 
loop_
_pdbx_audit_revision_history.ordinal 
_pdbx_audit_revision_history.data_content_type 
_pdbx_audit_revision_history.major_revision 
_pdbx_audit_revision_history.minor_revision 
_pdbx_audit_revision_history.revision_date 
1 'Structure model' 1 0 1995-02-27 
2 'Structure model' 1 1 2008-03-24 
3 'Structure model' 1 2 2011-07-13 
4 'Structure model' 1 3 2022-02-23 
5 'Structure model' 1 4 2024-11-13 
# 
_pdbx_audit_revision_details.ordinal             1 
_pdbx_audit_revision_details.revision_ordinal    1 
_pdbx_audit_revision_details.data_content_type   'Structure model' 
_pdbx_audit_revision_details.provider            repository 
_pdbx_audit_revision_details.type                'Initial release' 
_pdbx_audit_revision_details.description         ? 
_pdbx_audit_revision_details.details             ? 
# 
loop_
_pdbx_audit_revision_group.ordinal 
_pdbx_audit_revision_group.revision_ordinal 
_pdbx_audit_revision_group.data_content_type 
_pdbx_audit_revision_group.group 
1 2 'Structure model' 'Version format compliance' 
2 3 'Structure model' 'Version format compliance' 
3 4 'Structure model' 'Database references'       
4 4 'Structure model' 'Derived calculations'      
5 4 'Structure model' Other                       
6 5 'Structure model' 'Data collection'           
7 5 'Structure model' 'Structure summary'         
# 
loop_
_pdbx_audit_revision_category.ordinal 
_pdbx_audit_revision_category.revision_ordinal 
_pdbx_audit_revision_category.data_content_type 
_pdbx_audit_revision_category.category 
1 4 'Structure model' database_2                
2 4 'Structure model' pdbx_database_status      
3 4 'Structure model' pdbx_struct_assembly      
4 4 'Structure model' pdbx_struct_oper_list     
5 5 'Structure model' chem_comp_atom            
6 5 'Structure model' chem_comp_bond            
7 5 'Structure model' pdbx_entry_details        
8 5 'Structure model' pdbx_modification_feature 
# 
loop_
_pdbx_audit_revision_item.ordinal 
_pdbx_audit_revision_item.revision_ordinal 
_pdbx_audit_revision_item.data_content_type 
_pdbx_audit_revision_item.item 
1 4 'Structure model' '_database_2.pdbx_DOI'                
2 4 'Structure model' '_database_2.pdbx_database_accession' 
3 4 'Structure model' '_pdbx_database_status.process_site'  
# 
_pdbx_database_status.status_code                     REL 
_pdbx_database_status.entry_id                        1NRA 
_pdbx_database_status.recvd_initial_deposition_date   1995-01-03 
_pdbx_database_status.deposit_site                    ? 
_pdbx_database_status.process_site                    BNL 
_pdbx_database_status.SG_entry                        . 
_pdbx_database_status.pdb_format_compatible           Y 
_pdbx_database_status.status_code_mr                  ? 
_pdbx_database_status.status_code_sf                  ? 
_pdbx_database_status.status_code_cs                  ? 
_pdbx_database_status.status_code_nmr_data            ? 
_pdbx_database_status.methods_development_category    ? 
# 
_pdbx_database_related.db_name        PDB 
_pdbx_database_related.db_id          1NRB 
_pdbx_database_related.details        . 
_pdbx_database_related.content_type   ensemble 
# 
loop_
_audit_author.name 
_audit_author.pdbx_ordinal 
'Jablonsky, M.J.' 1 
'Krishna, N.R.'   2 
# 
_citation.id                        primary 
_citation.title                     
'Solution structure of an Old World-like neurotoxin from the venom of the New World scorpion Centruroides sculpturatus Ewing.' 
_citation.journal_abbrev            J.Mol.Biol. 
_citation.journal_volume            248 
_citation.page_first                449 
_citation.page_last                 458 
_citation.year                      1995 
_citation.journal_id_ASTM           JMOBAK 
_citation.country                   UK 
_citation.journal_id_ISSN           0022-2836 
_citation.journal_id_CSD            0070 
_citation.book_publisher            ? 
_citation.pdbx_database_id_PubMed   7739052 
_citation.pdbx_database_id_DOI      ? 
# 
loop_
_citation_author.citation_id 
_citation_author.name 
_citation_author.ordinal 
_citation_author.identifier_ORCID 
primary 'Jablonsky, M.J.' 1 ? 
primary 'Watt, D.D.'      2 ? 
primary 'Krishna, N.R.'   3 ? 
# 
_entity.id                         1 
_entity.type                       polymer 
_entity.src_method                 man 
_entity.pdbx_description           'NEUROTOXIN V, CSE-V' 
_entity.formula_weight             7085.986 
_entity.pdbx_number_of_molecules   1 
_entity.pdbx_ec                    ? 
_entity.pdbx_mutation              ? 
_entity.pdbx_fragment              ? 
_entity.details                    ? 
# 
_entity_poly.entity_id                      1 
_entity_poly.type                           'polypeptide(L)' 
_entity_poly.nstd_linkage                   no 
_entity_poly.nstd_monomer                   no 
_entity_poly.pdbx_seq_one_letter_code       KKDGYPVDSGNCKYECLKDDYCNDLCLERKADKGYCYWGKVSCYCYGLPDNSPTKTSGKCNPA 
_entity_poly.pdbx_seq_one_letter_code_can   KKDGYPVDSGNCKYECLKDDYCNDLCLERKADKGYCYWGKVSCYCYGLPDNSPTKTSGKCNPA 
_entity_poly.pdbx_strand_id                 A 
_entity_poly.pdbx_target_identifier         ? 
# 
loop_
_entity_poly_seq.entity_id 
_entity_poly_seq.num 
_entity_poly_seq.mon_id 
_entity_poly_seq.hetero 
1 1  LYS n 
1 2  LYS n 
1 3  ASP n 
1 4  GLY n 
1 5  TYR n 
1 6  PRO n 
1 7  VAL n 
1 8  ASP n 
1 9  SER n 
1 10 GLY n 
1 11 ASN n 
1 12 CYS n 
1 13 LYS n 
1 14 TYR n 
1 15 GLU n 
1 16 CYS n 
1 17 LEU n 
1 18 LYS n 
1 19 ASP n 
1 20 ASP n 
1 21 TYR n 
1 22 CYS n 
1 23 ASN n 
1 24 ASP n 
1 25 LEU n 
1 26 CYS n 
1 27 LEU n 
1 28 GLU n 
1 29 ARG n 
1 30 LYS n 
1 31 ALA n 
1 32 ASP n 
1 33 LYS n 
1 34 GLY n 
1 35 TYR n 
1 36 CYS n 
1 37 TYR n 
1 38 TRP n 
1 39 GLY n 
1 40 LYS n 
1 41 VAL n 
1 42 SER n 
1 43 CYS n 
1 44 TYR n 
1 45 CYS n 
1 46 TYR n 
1 47 GLY n 
1 48 LEU n 
1 49 PRO n 
1 50 ASP n 
1 51 ASN n 
1 52 SER n 
1 53 PRO n 
1 54 THR n 
1 55 LYS n 
1 56 THR n 
1 57 SER n 
1 58 GLY n 
1 59 LYS n 
1 60 CYS n 
1 61 ASN n 
1 62 PRO n 
1 63 ALA n 
# 
_entity_src_gen.entity_id                          1 
_entity_src_gen.pdbx_src_id                        1 
_entity_src_gen.pdbx_alt_source_flag               sample 
_entity_src_gen.pdbx_seq_type                      ? 
_entity_src_gen.pdbx_beg_seq_num                   ? 
_entity_src_gen.pdbx_end_seq_num                   ? 
_entity_src_gen.gene_src_common_name               'bark scorpion' 
_entity_src_gen.gene_src_genus                     Centruroides 
_entity_src_gen.pdbx_gene_src_gene                 ? 
_entity_src_gen.gene_src_species                   ? 
_entity_src_gen.gene_src_strain                    ? 
_entity_src_gen.gene_src_tissue                    ? 
_entity_src_gen.gene_src_tissue_fraction           ? 
_entity_src_gen.gene_src_details                   ? 
_entity_src_gen.pdbx_gene_src_fragment             ? 
_entity_src_gen.pdbx_gene_src_scientific_name      'Centruroides sculpturatus' 
_entity_src_gen.pdbx_gene_src_ncbi_taxonomy_id     218467 
_entity_src_gen.pdbx_gene_src_variant              ? 
_entity_src_gen.pdbx_gene_src_cell_line            ? 
_entity_src_gen.pdbx_gene_src_atcc                 ? 
_entity_src_gen.pdbx_gene_src_organ                ? 
_entity_src_gen.pdbx_gene_src_organelle            ? 
_entity_src_gen.pdbx_gene_src_cell                 ? 
_entity_src_gen.pdbx_gene_src_cellular_location    ? 
_entity_src_gen.host_org_common_name               ? 
_entity_src_gen.pdbx_host_org_scientific_name      ? 
_entity_src_gen.pdbx_host_org_ncbi_taxonomy_id     ? 
_entity_src_gen.host_org_genus                     ? 
_entity_src_gen.pdbx_host_org_gene                 ? 
_entity_src_gen.pdbx_host_org_organ                ? 
_entity_src_gen.host_org_species                   ? 
_entity_src_gen.pdbx_host_org_tissue               ? 
_entity_src_gen.pdbx_host_org_tissue_fraction      ? 
_entity_src_gen.pdbx_host_org_strain               ? 
_entity_src_gen.pdbx_host_org_variant              ? 
_entity_src_gen.pdbx_host_org_cell_line            ? 
_entity_src_gen.pdbx_host_org_atcc                 ? 
_entity_src_gen.pdbx_host_org_culture_collection   ? 
_entity_src_gen.pdbx_host_org_cell                 ? 
_entity_src_gen.pdbx_host_org_organelle            ? 
_entity_src_gen.pdbx_host_org_cellular_location    ? 
_entity_src_gen.pdbx_host_org_vector_type          ? 
_entity_src_gen.pdbx_host_org_vector               ? 
_entity_src_gen.host_org_details                   ? 
_entity_src_gen.expression_system_id               ? 
_entity_src_gen.plasmid_name                       ? 
_entity_src_gen.plasmid_details                    ? 
_entity_src_gen.pdbx_description                   ? 
# 
loop_
_chem_comp.id 
_chem_comp.type 
_chem_comp.mon_nstd_flag 
_chem_comp.name 
_chem_comp.pdbx_synonyms 
_chem_comp.formula 
_chem_comp.formula_weight 
ALA 'L-peptide linking' y ALANINE         ? 'C3 H7 N O2'     89.093  
ARG 'L-peptide linking' y ARGININE        ? 'C6 H15 N4 O2 1' 175.209 
ASN 'L-peptide linking' y ASPARAGINE      ? 'C4 H8 N2 O3'    132.118 
ASP 'L-peptide linking' y 'ASPARTIC ACID' ? 'C4 H7 N O4'     133.103 
CYS 'L-peptide linking' y CYSTEINE        ? 'C3 H7 N O2 S'   121.158 
GLU 'L-peptide linking' y 'GLUTAMIC ACID' ? 'C5 H9 N O4'     147.129 
GLY 'peptide linking'   y GLYCINE         ? 'C2 H5 N O2'     75.067  
LEU 'L-peptide linking' y LEUCINE         ? 'C6 H13 N O2'    131.173 
LYS 'L-peptide linking' y LYSINE          ? 'C6 H15 N2 O2 1' 147.195 
PRO 'L-peptide linking' y PROLINE         ? 'C5 H9 N O2'     115.130 
SER 'L-peptide linking' y SERINE          ? 'C3 H7 N O3'     105.093 
THR 'L-peptide linking' y THREONINE       ? 'C4 H9 N O3'     119.119 
TRP 'L-peptide linking' y TRYPTOPHAN      ? 'C11 H12 N2 O2'  204.225 
TYR 'L-peptide linking' y TYROSINE        ? 'C9 H11 N O3'    181.189 
VAL 'L-peptide linking' y VALINE          ? 'C5 H11 N O2'    117.146 
# 
loop_
_pdbx_poly_seq_scheme.asym_id 
_pdbx_poly_seq_scheme.entity_id 
_pdbx_poly_seq_scheme.seq_id 
_pdbx_poly_seq_scheme.mon_id 
_pdbx_poly_seq_scheme.ndb_seq_num 
_pdbx_poly_seq_scheme.pdb_seq_num 
_pdbx_poly_seq_scheme.auth_seq_num 
_pdbx_poly_seq_scheme.pdb_mon_id 
_pdbx_poly_seq_scheme.auth_mon_id 
_pdbx_poly_seq_scheme.pdb_strand_id 
_pdbx_poly_seq_scheme.pdb_ins_code 
_pdbx_poly_seq_scheme.hetero 
A 1 1  LYS 1  1  1  LYS LYS A . n 
A 1 2  LYS 2  2  2  LYS LYS A . n 
A 1 3  ASP 3  3  3  ASP ASP A . n 
A 1 4  GLY 4  4  4  GLY GLY A . n 
A 1 5  TYR 5  5  5  TYR TYR A . n 
A 1 6  PRO 6  6  6  PRO PRO A . n 
A 1 7  VAL 7  7  7  VAL VAL A . n 
A 1 8  ASP 8  8  8  ASP ASP A . n 
A 1 9  SER 9  9  9  SER SER A . n 
A 1 10 GLY 10 10 10 GLY GLY A . n 
A 1 11 ASN 11 11 11 ASN ASN A . n 
A 1 12 CYS 12 12 12 CYS CYS A . n 
A 1 13 LYS 13 13 13 LYS LYS A . n 
A 1 14 TYR 14 14 14 TYR TYR A . n 
A 1 15 GLU 15 15 15 GLU GLU A . n 
A 1 16 CYS 16 16 16 CYS CYS A . n 
A 1 17 LEU 17 17 17 LEU LEU A . n 
A 1 18 LYS 18 18 18 LYS LYS A . n 
A 1 19 ASP 19 19 19 ASP ASP A . n 
A 1 20 ASP 20 20 20 ASP ASP A . n 
A 1 21 TYR 21 21 21 TYR TYR A . n 
A 1 22 CYS 22 22 22 CYS CYS A . n 
A 1 23 ASN 23 23 23 ASN ASN A . n 
A 1 24 ASP 24 24 24 ASP ASP A . n 
A 1 25 LEU 25 25 25 LEU LEU A . n 
A 1 26 CYS 26 26 26 CYS CYS A . n 
A 1 27 LEU 27 27 27 LEU LEU A . n 
A 1 28 GLU 28 28 28 GLU GLU A . n 
A 1 29 ARG 29 29 29 ARG ARG A . n 
A 1 30 LYS 30 30 30 LYS LYS A . n 
A 1 31 ALA 31 31 31 ALA ALA A . n 
A 1 32 ASP 32 32 32 ASP ASP A . n 
A 1 33 LYS 33 33 33 LYS LYS A . n 
A 1 34 GLY 34 34 34 GLY GLY A . n 
A 1 35 TYR 35 35 35 TYR TYR A . n 
A 1 36 CYS 36 36 36 CYS CYS A . n 
A 1 37 TYR 37 37 37 TYR TYR A . n 
A 1 38 TRP 38 38 38 TRP TRP A . n 
A 1 39 GLY 39 39 39 GLY GLY A . n 
A 1 40 LYS 40 40 40 LYS LYS A . n 
A 1 41 VAL 41 41 41 VAL VAL A . n 
A 1 42 SER 42 42 42 SER SER A . n 
A 1 43 CYS 43 43 43 CYS CYS A . n 
A 1 44 TYR 44 44 44 TYR TYR A . n 
A 1 45 CYS 45 45 45 CYS CYS A . n 
A 1 46 TYR 46 46 46 TYR TYR A . n 
A 1 47 GLY 47 47 47 GLY GLY A . n 
A 1 48 LEU 48 48 48 LEU LEU A . n 
A 1 49 PRO 49 49 49 PRO PRO A . n 
A 1 50 ASP 50 50 50 ASP ASP A . n 
A 1 51 ASN 51 51 51 ASN ASN A . n 
A 1 52 SER 52 52 52 SER SER A . n 
A 1 53 PRO 53 53 53 PRO PRO A . n 
A 1 54 THR 54 54 54 THR THR A . n 
A 1 55 LYS 55 55 55 LYS LYS A . n 
A 1 56 THR 56 56 56 THR THR A . n 
A 1 57 SER 57 57 57 SER SER A . n 
A 1 58 GLY 58 58 58 GLY GLY A . n 
A 1 59 LYS 59 59 59 LYS LYS A . n 
A 1 60 CYS 60 60 60 CYS CYS A . n 
A 1 61 ASN 61 61 61 ASN ASN A . n 
A 1 62 PRO 62 62 62 PRO PRO A . n 
A 1 63 ALA 63 63 63 ALA ALA A . n 
# 
loop_
_software.name 
_software.classification 
_software.version 
_software.citation_id 
_software.pdbx_ordinal 
X-PLOR 'model building' . ? 1 
X-PLOR refinement       . ? 2 
X-PLOR phasing          . ? 3 
# 
_cell.entry_id           1NRA 
_cell.length_a           1.000 
_cell.length_b           1.000 
_cell.length_c           1.000 
_cell.angle_alpha        90.00 
_cell.angle_beta         90.00 
_cell.angle_gamma        90.00 
_cell.Z_PDB              1 
_cell.pdbx_unique_axis   ? 
# 
_symmetry.entry_id                         1NRA 
_symmetry.space_group_name_H-M             'P 1' 
_symmetry.pdbx_full_space_group_name_H-M   ? 
_symmetry.cell_setting                     ? 
_symmetry.Int_Tables_number                1 
# 
_exptl.entry_id          1NRA 
_exptl.method            'SOLUTION NMR' 
_exptl.crystals_number   ? 
# 
_struct.entry_id                  1NRA 
_struct.title                     
'SOLUTION STRUCTURE OF AN OLD WORLD-LIKE NEUROTOXIN FROM THE VENOM OF THE NEW WORLD SCORPION CENTRUROIDES SCULPTURATUS EWING' 
_struct.pdbx_model_details        ? 
_struct.pdbx_CASP_flag            ? 
_struct.pdbx_model_type_details   ? 
# 
_struct_keywords.entry_id        1NRA 
_struct_keywords.pdbx_keywords   NEUROTOXIN 
_struct_keywords.text            NEUROTOXIN 
# 
_struct_asym.id                            A 
_struct_asym.pdbx_blank_PDB_chainid_flag   Y 
_struct_asym.pdbx_modified                 N 
_struct_asym.entity_id                     1 
_struct_asym.details                       ? 
# 
_struct_ref.id                         1 
_struct_ref.db_name                    UNP 
_struct_ref.db_code                    SCXV_CENSC 
_struct_ref.entity_id                  1 
_struct_ref.pdbx_db_accession          P46066 
_struct_ref.pdbx_align_begin           1 
_struct_ref.pdbx_seq_one_letter_code   KKDGYPVDSGNCKYECLKDDYCNDLCLERKADKGYCYWGKVSCYCYGLPDNSPTKTSGKCNPA 
_struct_ref.pdbx_db_isoform            ? 
# 
_struct_ref_seq.align_id                      1 
_struct_ref_seq.ref_id                        1 
_struct_ref_seq.pdbx_PDB_id_code              1NRA 
_struct_ref_seq.pdbx_strand_id                A 
_struct_ref_seq.seq_align_beg                 1 
_struct_ref_seq.pdbx_seq_align_beg_ins_code   ? 
_struct_ref_seq.seq_align_end                 63 
_struct_ref_seq.pdbx_seq_align_end_ins_code   ? 
_struct_ref_seq.pdbx_db_accession             P46066 
_struct_ref_seq.db_align_beg                  1 
_struct_ref_seq.pdbx_db_align_beg_ins_code    ? 
_struct_ref_seq.db_align_end                  63 
_struct_ref_seq.pdbx_db_align_end_ins_code    ? 
_struct_ref_seq.pdbx_auth_seq_align_beg       1 
_struct_ref_seq.pdbx_auth_seq_align_end       63 
# 
_pdbx_struct_assembly.id                   1 
_pdbx_struct_assembly.details              author_defined_assembly 
_pdbx_struct_assembly.method_details       ? 
_pdbx_struct_assembly.oligomeric_details   monomeric 
_pdbx_struct_assembly.oligomeric_count     1 
# 
_pdbx_struct_assembly_gen.assembly_id       1 
_pdbx_struct_assembly_gen.oper_expression   1 
_pdbx_struct_assembly_gen.asym_id_list      A 
# 
_pdbx_struct_oper_list.id                   1 
_pdbx_struct_oper_list.type                 'identity operation' 
_pdbx_struct_oper_list.name                 1_555 
_pdbx_struct_oper_list.symmetry_operation   x,y,z 
_pdbx_struct_oper_list.matrix[1][1]         1.0000000000 
_pdbx_struct_oper_list.matrix[1][2]         0.0000000000 
_pdbx_struct_oper_list.matrix[1][3]         0.0000000000 
_pdbx_struct_oper_list.vector[1]            0.0000000000 
_pdbx_struct_oper_list.matrix[2][1]         0.0000000000 
_pdbx_struct_oper_list.matrix[2][2]         1.0000000000 
_pdbx_struct_oper_list.matrix[2][3]         0.0000000000 
_pdbx_struct_oper_list.vector[2]            0.0000000000 
_pdbx_struct_oper_list.matrix[3][1]         0.0000000000 
_pdbx_struct_oper_list.matrix[3][2]         0.0000000000 
_pdbx_struct_oper_list.matrix[3][3]         1.0000000000 
_pdbx_struct_oper_list.vector[3]            0.0000000000 
# 
_struct_biol.id   1 
# 
_struct_conf.conf_type_id            HELX_P 
_struct_conf.id                      HELX_P1 
_struct_conf.pdbx_PDB_helix_id       1 
_struct_conf.beg_label_comp_id       ASP 
_struct_conf.beg_label_asym_id       A 
_struct_conf.beg_label_seq_id        20 
_struct_conf.pdbx_beg_PDB_ins_code   ? 
_struct_conf.end_label_comp_id       GLU 
_struct_conf.end_label_asym_id       A 
_struct_conf.end_label_seq_id        28 
_struct_conf.pdbx_end_PDB_ins_code   ? 
_struct_conf.beg_auth_comp_id        ASP 
_struct_conf.beg_auth_asym_id        A 
_struct_conf.beg_auth_seq_id         20 
_struct_conf.end_auth_comp_id        GLU 
_struct_conf.end_auth_asym_id        A 
_struct_conf.end_auth_seq_id         28 
_struct_conf.pdbx_PDB_helix_class    1 
_struct_conf.details                 ? 
_struct_conf.pdbx_PDB_helix_length   9 
# 
_struct_conf_type.id          HELX_P 
_struct_conf_type.criteria    ? 
_struct_conf_type.reference   ? 
# 
loop_
_struct_conn.id 
_struct_conn.conn_type_id 
_struct_conn.pdbx_leaving_atom_flag 
_struct_conn.pdbx_PDB_id 
_struct_conn.ptnr1_label_asym_id 
_struct_conn.ptnr1_label_comp_id 
_struct_conn.ptnr1_label_seq_id 
_struct_conn.ptnr1_label_atom_id 
_struct_conn.pdbx_ptnr1_label_alt_id 
_struct_conn.pdbx_ptnr1_PDB_ins_code 
_struct_conn.pdbx_ptnr1_standard_comp_id 
_struct_conn.ptnr1_symmetry 
_struct_conn.ptnr2_label_asym_id 
_struct_conn.ptnr2_label_comp_id 
_struct_conn.ptnr2_label_seq_id 
_struct_conn.ptnr2_label_atom_id 
_struct_conn.pdbx_ptnr2_label_alt_id 
_struct_conn.pdbx_ptnr2_PDB_ins_code 
_struct_conn.ptnr1_auth_asym_id 
_struct_conn.ptnr1_auth_comp_id 
_struct_conn.ptnr1_auth_seq_id 
_struct_conn.ptnr2_auth_asym_id 
_struct_conn.ptnr2_auth_comp_id 
_struct_conn.ptnr2_auth_seq_id 
_struct_conn.ptnr2_symmetry 
_struct_conn.pdbx_ptnr3_label_atom_id 
_struct_conn.pdbx_ptnr3_label_seq_id 
_struct_conn.pdbx_ptnr3_label_comp_id 
_struct_conn.pdbx_ptnr3_label_asym_id 
_struct_conn.pdbx_ptnr3_label_alt_id 
_struct_conn.pdbx_ptnr3_PDB_ins_code 
_struct_conn.details 
_struct_conn.pdbx_dist_value 
_struct_conn.pdbx_value_order 
_struct_conn.pdbx_role 
disulf1 disulf ? ? A CYS 12 SG ? ? ? 1_555 A CYS 60 SG ? ? A CYS 12 A CYS 60 1_555 ? ? ? ? ? ? ? 2.021 ? ? 
disulf2 disulf ? ? A CYS 16 SG ? ? ? 1_555 A CYS 36 SG ? ? A CYS 16 A CYS 36 1_555 ? ? ? ? ? ? ? 2.021 ? ? 
disulf3 disulf ? ? A CYS 22 SG ? ? ? 1_555 A CYS 43 SG ? ? A CYS 22 A CYS 43 1_555 ? ? ? ? ? ? ? 2.021 ? ? 
disulf4 disulf ? ? A CYS 26 SG ? ? ? 1_555 A CYS 45 SG ? ? A CYS 26 A CYS 45 1_555 ? ? ? ? ? ? ? 2.020 ? ? 
# 
_struct_conn_type.id          disulf 
_struct_conn_type.criteria    ? 
_struct_conn_type.reference   ? 
# 
loop_
_pdbx_modification_feature.ordinal 
_pdbx_modification_feature.label_comp_id 
_pdbx_modification_feature.label_asym_id 
_pdbx_modification_feature.label_seq_id 
_pdbx_modification_feature.label_alt_id 
_pdbx_modification_feature.modified_residue_label_comp_id 
_pdbx_modification_feature.modified_residue_label_asym_id 
_pdbx_modification_feature.modified_residue_label_seq_id 
_pdbx_modification_feature.modified_residue_label_alt_id 
_pdbx_modification_feature.auth_comp_id 
_pdbx_modification_feature.auth_asym_id 
_pdbx_modification_feature.auth_seq_id 
_pdbx_modification_feature.PDB_ins_code 
_pdbx_modification_feature.symmetry 
_pdbx_modification_feature.modified_residue_auth_comp_id 
_pdbx_modification_feature.modified_residue_auth_asym_id 
_pdbx_modification_feature.modified_residue_auth_seq_id 
_pdbx_modification_feature.modified_residue_PDB_ins_code 
_pdbx_modification_feature.modified_residue_symmetry 
_pdbx_modification_feature.comp_id_linking_atom 
_pdbx_modification_feature.modified_residue_id_linking_atom 
_pdbx_modification_feature.modified_residue_id 
_pdbx_modification_feature.ref_pcm_id 
_pdbx_modification_feature.ref_comp_id 
_pdbx_modification_feature.type 
_pdbx_modification_feature.category 
1 CYS A 12 ? CYS A 60 ? CYS A 12 ? 1_555 CYS A 60 ? 1_555 SG SG . . . None 'Disulfide bridge' 
2 CYS A 16 ? CYS A 36 ? CYS A 16 ? 1_555 CYS A 36 ? 1_555 SG SG . . . None 'Disulfide bridge' 
3 CYS A 22 ? CYS A 43 ? CYS A 22 ? 1_555 CYS A 43 ? 1_555 SG SG . . . None 'Disulfide bridge' 
4 CYS A 26 ? CYS A 45 ? CYS A 26 ? 1_555 CYS A 45 ? 1_555 SG SG . . . None 'Disulfide bridge' 
# 
_struct_sheet.id               A 
_struct_sheet.type             ? 
_struct_sheet.number_strands   3 
_struct_sheet.details          ? 
# 
loop_
_struct_sheet_order.sheet_id 
_struct_sheet_order.range_id_1 
_struct_sheet_order.range_id_2 
_struct_sheet_order.offset 
_struct_sheet_order.sense 
A 1 2 ? anti-parallel 
A 2 3 ? anti-parallel 
# 
loop_
_struct_sheet_range.sheet_id 
_struct_sheet_range.id 
_struct_sheet_range.beg_label_comp_id 
_struct_sheet_range.beg_label_asym_id 
_struct_sheet_range.beg_label_seq_id 
_struct_sheet_range.pdbx_beg_PDB_ins_code 
_struct_sheet_range.end_label_comp_id 
_struct_sheet_range.end_label_asym_id 
_struct_sheet_range.end_label_seq_id 
_struct_sheet_range.pdbx_end_PDB_ins_code 
_struct_sheet_range.beg_auth_comp_id 
_struct_sheet_range.beg_auth_asym_id 
_struct_sheet_range.beg_auth_seq_id 
_struct_sheet_range.end_auth_comp_id 
_struct_sheet_range.end_auth_asym_id 
_struct_sheet_range.end_auth_seq_id 
A 1 LYS A 33 ? TYR A 37 ? LYS A 33 TYR A 37 
A 2 SER A 42 ? LEU A 48 ? SER A 42 LEU A 48 
A 3 LYS A 2  ? GLY A 4  ? LYS A 2  GLY A 4  
# 
loop_
_pdbx_struct_sheet_hbond.sheet_id 
_pdbx_struct_sheet_hbond.range_id_1 
_pdbx_struct_sheet_hbond.range_id_2 
_pdbx_struct_sheet_hbond.range_1_label_atom_id 
_pdbx_struct_sheet_hbond.range_1_label_comp_id 
_pdbx_struct_sheet_hbond.range_1_label_asym_id 
_pdbx_struct_sheet_hbond.range_1_label_seq_id 
_pdbx_struct_sheet_hbond.range_1_PDB_ins_code 
_pdbx_struct_sheet_hbond.range_1_auth_atom_id 
_pdbx_struct_sheet_hbond.range_1_auth_comp_id 
_pdbx_struct_sheet_hbond.range_1_auth_asym_id 
_pdbx_struct_sheet_hbond.range_1_auth_seq_id 
_pdbx_struct_sheet_hbond.range_2_label_atom_id 
_pdbx_struct_sheet_hbond.range_2_label_comp_id 
_pdbx_struct_sheet_hbond.range_2_label_asym_id 
_pdbx_struct_sheet_hbond.range_2_label_seq_id 
_pdbx_struct_sheet_hbond.range_2_PDB_ins_code 
_pdbx_struct_sheet_hbond.range_2_auth_atom_id 
_pdbx_struct_sheet_hbond.range_2_auth_comp_id 
_pdbx_struct_sheet_hbond.range_2_auth_asym_id 
_pdbx_struct_sheet_hbond.range_2_auth_seq_id 
A 1 2 O LYS A 33 ? O LYS A 33 N TYR A 46 ? N TYR A 46 
A 2 3 O CYS A 45 ? O CYS A 45 N GLY A 4  ? N GLY A 4  
# 
_pdbx_entry_details.entry_id                   1NRA 
_pdbx_entry_details.compound_details           ? 
_pdbx_entry_details.source_details             ? 
_pdbx_entry_details.nonpolymer_details         ? 
_pdbx_entry_details.sequence_details           ? 
_pdbx_entry_details.has_ligand_of_interest     ? 
_pdbx_entry_details.has_protein_modification   Y 
# 
loop_
_pdbx_validate_torsion.id 
_pdbx_validate_torsion.PDB_model_num 
_pdbx_validate_torsion.auth_comp_id 
_pdbx_validate_torsion.auth_asym_id 
_pdbx_validate_torsion.auth_seq_id 
_pdbx_validate_torsion.PDB_ins_code 
_pdbx_validate_torsion.label_alt_id 
_pdbx_validate_torsion.phi 
_pdbx_validate_torsion.psi 
1  1 ASP A 8  ? ? -68.82  -163.24 
2  1 ASN A 11 ? ? 78.50   41.50   
3  1 LYS A 18 ? ? -120.61 -167.09 
4  1 ASP A 24 ? ? -63.59  -70.70  
5  1 LYS A 30 ? ? 83.48   10.80   
6  1 TYR A 35 ? ? -118.55 -169.00 
7  1 TRP A 38 ? ? -64.84  -100.87 
8  1 VAL A 41 ? ? -138.92 -104.48 
9  1 SER A 42 ? ? -175.94 -167.25 
10 1 CYS A 43 ? ? -61.32  -177.24 
11 1 TYR A 44 ? ? -160.14 118.53  
12 1 SER A 52 ? ? -41.37  107.18  
13 1 PRO A 53 ? ? -59.26  107.97  
14 1 THR A 56 ? ? -99.78  -94.99  
# 
_pdbx_nmr_ensemble.entry_id                             1NRA 
_pdbx_nmr_ensemble.conformers_calculated_total_number   ? 
_pdbx_nmr_ensemble.conformers_submitted_total_number    1 
_pdbx_nmr_ensemble.conformer_selection_criteria         ? 
# 
loop_
_pdbx_nmr_software.classification 
_pdbx_nmr_software.name 
_pdbx_nmr_software.version 
_pdbx_nmr_software.authors 
_pdbx_nmr_software.ordinal 
refinement X-PLOR ? BRUNGER         1 
refinement QUANTA ? ?               2 
refinement CHARMM ? 'BROOKS ET AL.' 3 
# 
loop_
_chem_comp_atom.comp_id 
_chem_comp_atom.atom_id 
_chem_comp_atom.type_symbol 
_chem_comp_atom.pdbx_aromatic_flag 
_chem_comp_atom.pdbx_stereo_config 
_chem_comp_atom.pdbx_ordinal 
ALA N    N N N 1   
ALA CA   C N S 2   
ALA C    C N N 3   
ALA O    O N N 4   
ALA CB   C N N 5   
ALA OXT  O N N 6   
ALA H    H N N 7   
ALA H2   H N N 8   
ALA HA   H N N 9   
ALA HB1  H N N 10  
ALA HB2  H N N 11  
ALA HB3  H N N 12  
ALA HXT  H N N 13  
ARG N    N N N 14  
ARG CA   C N S 15  
ARG C    C N N 16  
ARG O    O N N 17  
ARG CB   C N N 18  
ARG CG   C N N 19  
ARG CD   C N N 20  
ARG NE   N N N 21  
ARG CZ   C N N 22  
ARG NH1  N N N 23  
ARG NH2  N N N 24  
ARG OXT  O N N 25  
ARG H    H N N 26  
ARG H2   H N N 27  
ARG HA   H N N 28  
ARG HB2  H N N 29  
ARG HB3  H N N 30  
ARG HG2  H N N 31  
ARG HG3  H N N 32  
ARG HD2  H N N 33  
ARG HD3  H N N 34  
ARG HE   H N N 35  
ARG HH11 H N N 36  
ARG HH12 H N N 37  
ARG HH21 H N N 38  
ARG HH22 H N N 39  
ARG HXT  H N N 40  
ASN N    N N N 41  
ASN CA   C N S 42  
ASN C    C N N 43  
ASN O    O N N 44  
ASN CB   C N N 45  
ASN CG   C N N 46  
ASN OD1  O N N 47  
ASN ND2  N N N 48  
ASN OXT  O N N 49  
ASN H    H N N 50  
ASN H2   H N N 51  
ASN HA   H N N 52  
ASN HB2  H N N 53  
ASN HB3  H N N 54  
ASN HD21 H N N 55  
ASN HD22 H N N 56  
ASN HXT  H N N 57  
ASP N    N N N 58  
ASP CA   C N S 59  
ASP C    C N N 60  
ASP O    O N N 61  
ASP CB   C N N 62  
ASP CG   C N N 63  
ASP OD1  O N N 64  
ASP OD2  O N N 65  
ASP OXT  O N N 66  
ASP H    H N N 67  
ASP H2   H N N 68  
ASP HA   H N N 69  
ASP HB2  H N N 70  
ASP HB3  H N N 71  
ASP HD2  H N N 72  
ASP HXT  H N N 73  
CYS N    N N N 74  
CYS CA   C N R 75  
CYS C    C N N 76  
CYS O    O N N 77  
CYS CB   C N N 78  
CYS SG   S N N 79  
CYS OXT  O N N 80  
CYS H    H N N 81  
CYS H2   H N N 82  
CYS HA   H N N 83  
CYS HB2  H N N 84  
CYS HB3  H N N 85  
CYS HG   H N N 86  
CYS HXT  H N N 87  
GLU N    N N N 88  
GLU CA   C N S 89  
GLU C    C N N 90  
GLU O    O N N 91  
GLU CB   C N N 92  
GLU CG   C N N 93  
GLU CD   C N N 94  
GLU OE1  O N N 95  
GLU OE2  O N N 96  
GLU OXT  O N N 97  
GLU H    H N N 98  
GLU H2   H N N 99  
GLU HA   H N N 100 
GLU HB2  H N N 101 
GLU HB3  H N N 102 
GLU HG2  H N N 103 
GLU HG3  H N N 104 
GLU HE2  H N N 105 
GLU HXT  H N N 106 
GLY N    N N N 107 
GLY CA   C N N 108 
GLY C    C N N 109 
GLY O    O N N 110 
GLY OXT  O N N 111 
GLY H    H N N 112 
GLY H2   H N N 113 
GLY HA2  H N N 114 
GLY HA3  H N N 115 
GLY HXT  H N N 116 
LEU N    N N N 117 
LEU CA   C N S 118 
LEU C    C N N 119 
LEU O    O N N 120 
LEU CB   C N N 121 
LEU CG   C N N 122 
LEU CD1  C N N 123 
LEU CD2  C N N 124 
LEU OXT  O N N 125 
LEU H    H N N 126 
LEU H2   H N N 127 
LEU HA   H N N 128 
LEU HB2  H N N 129 
LEU HB3  H N N 130 
LEU HG   H N N 131 
LEU HD11 H N N 132 
LEU HD12 H N N 133 
LEU HD13 H N N 134 
LEU HD21 H N N 135 
LEU HD22 H N N 136 
LEU HD23 H N N 137 
LEU HXT  H N N 138 
LYS N    N N N 139 
LYS CA   C N S 140 
LYS C    C N N 141 
LYS O    O N N 142 
LYS CB   C N N 143 
LYS CG   C N N 144 
LYS CD   C N N 145 
LYS CE   C N N 146 
LYS NZ   N N N 147 
LYS OXT  O N N 148 
LYS H    H N N 149 
LYS H2   H N N 150 
LYS HA   H N N 151 
LYS HB2  H N N 152 
LYS HB3  H N N 153 
LYS HG2  H N N 154 
LYS HG3  H N N 155 
LYS HD2  H N N 156 
LYS HD3  H N N 157 
LYS HE2  H N N 158 
LYS HE3  H N N 159 
LYS HZ1  H N N 160 
LYS HZ2  H N N 161 
LYS HZ3  H N N 162 
LYS HXT  H N N 163 
PRO N    N N N 164 
PRO CA   C N S 165 
PRO C    C N N 166 
PRO O    O N N 167 
PRO CB   C N N 168 
PRO CG   C N N 169 
PRO CD   C N N 170 
PRO OXT  O N N 171 
PRO H    H N N 172 
PRO HA   H N N 173 
PRO HB2  H N N 174 
PRO HB3  H N N 175 
PRO HG2  H N N 176 
PRO HG3  H N N 177 
PRO HD2  H N N 178 
PRO HD3  H N N 179 
PRO HXT  H N N 180 
SER N    N N N 181 
SER CA   C N S 182 
SER C    C N N 183 
SER O    O N N 184 
SER CB   C N N 185 
SER OG   O N N 186 
SER OXT  O N N 187 
SER H    H N N 188 
SER H2   H N N 189 
SER HA   H N N 190 
SER HB2  H N N 191 
SER HB3  H N N 192 
SER HG   H N N 193 
SER HXT  H N N 194 
THR N    N N N 195 
THR CA   C N S 196 
THR C    C N N 197 
THR O    O N N 198 
THR CB   C N R 199 
THR OG1  O N N 200 
THR CG2  C N N 201 
THR OXT  O N N 202 
THR H    H N N 203 
THR H2   H N N 204 
THR HA   H N N 205 
THR HB   H N N 206 
THR HG1  H N N 207 
THR HG21 H N N 208 
THR HG22 H N N 209 
THR HG23 H N N 210 
THR HXT  H N N 211 
TRP N    N N N 212 
TRP CA   C N S 213 
TRP C    C N N 214 
TRP O    O N N 215 
TRP CB   C N N 216 
TRP CG   C Y N 217 
TRP CD1  C Y N 218 
TRP CD2  C Y N 219 
TRP NE1  N Y N 220 
TRP CE2  C Y N 221 
TRP CE3  C Y N 222 
TRP CZ2  C Y N 223 
TRP CZ3  C Y N 224 
TRP CH2  C Y N 225 
TRP OXT  O N N 226 
TRP H    H N N 227 
TRP H2   H N N 228 
TRP HA   H N N 229 
TRP HB2  H N N 230 
TRP HB3  H N N 231 
TRP HD1  H N N 232 
TRP HE1  H N N 233 
TRP HE3  H N N 234 
TRP HZ2  H N N 235 
TRP HZ3  H N N 236 
TRP HH2  H N N 237 
TRP HXT  H N N 238 
TYR N    N N N 239 
TYR CA   C N S 240 
TYR C    C N N 241 
TYR O    O N N 242 
TYR CB   C N N 243 
TYR CG   C Y N 244 
TYR CD1  C Y N 245 
TYR CD2  C Y N 246 
TYR CE1  C Y N 247 
TYR CE2  C Y N 248 
TYR CZ   C Y N 249 
TYR OH   O N N 250 
TYR OXT  O N N 251 
TYR H    H N N 252 
TYR H2   H N N 253 
TYR HA   H N N 254 
TYR HB2  H N N 255 
TYR HB3  H N N 256 
TYR HD1  H N N 257 
TYR HD2  H N N 258 
TYR HE1  H N N 259 
TYR HE2  H N N 260 
TYR HH   H N N 261 
TYR HXT  H N N 262 
VAL N    N N N 263 
VAL CA   C N S 264 
VAL C    C N N 265 
VAL O    O N N 266 
VAL CB   C N N 267 
VAL CG1  C N N 268 
VAL CG2  C N N 269 
VAL OXT  O N N 270 
VAL H    H N N 271 
VAL H2   H N N 272 
VAL HA   H N N 273 
VAL HB   H N N 274 
VAL HG11 H N N 275 
VAL HG12 H N N 276 
VAL HG13 H N N 277 
VAL HG21 H N N 278 
VAL HG22 H N N 279 
VAL HG23 H N N 280 
VAL HXT  H N N 281 
# 
loop_
_chem_comp_bond.comp_id 
_chem_comp_bond.atom_id_1 
_chem_comp_bond.atom_id_2 
_chem_comp_bond.value_order 
_chem_comp_bond.pdbx_aromatic_flag 
_chem_comp_bond.pdbx_stereo_config 
_chem_comp_bond.pdbx_ordinal 
ALA N   CA   sing N N 1   
ALA N   H    sing N N 2   
ALA N   H2   sing N N 3   
ALA CA  C    sing N N 4   
ALA CA  CB   sing N N 5   
ALA CA  HA   sing N N 6   
ALA C   O    doub N N 7   
ALA C   OXT  sing N N 8   
ALA CB  HB1  sing N N 9   
ALA CB  HB2  sing N N 10  
ALA CB  HB3  sing N N 11  
ALA OXT HXT  sing N N 12  
ARG N   CA   sing N N 13  
ARG N   H    sing N N 14  
ARG N   H2   sing N N 15  
ARG CA  C    sing N N 16  
ARG CA  CB   sing N N 17  
ARG CA  HA   sing N N 18  
ARG C   O    doub N N 19  
ARG C   OXT  sing N N 20  
ARG CB  CG   sing N N 21  
ARG CB  HB2  sing N N 22  
ARG CB  HB3  sing N N 23  
ARG CG  CD   sing N N 24  
ARG CG  HG2  sing N N 25  
ARG CG  HG3  sing N N 26  
ARG CD  NE   sing N N 27  
ARG CD  HD2  sing N N 28  
ARG CD  HD3  sing N N 29  
ARG NE  CZ   sing N N 30  
ARG NE  HE   sing N N 31  
ARG CZ  NH1  sing N N 32  
ARG CZ  NH2  doub N N 33  
ARG NH1 HH11 sing N N 34  
ARG NH1 HH12 sing N N 35  
ARG NH2 HH21 sing N N 36  
ARG NH2 HH22 sing N N 37  
ARG OXT HXT  sing N N 38  
ASN N   CA   sing N N 39  
ASN N   H    sing N N 40  
ASN N   H2   sing N N 41  
ASN CA  C    sing N N 42  
ASN CA  CB   sing N N 43  
ASN CA  HA   sing N N 44  
ASN C   O    doub N N 45  
ASN C   OXT  sing N N 46  
ASN CB  CG   sing N N 47  
ASN CB  HB2  sing N N 48  
ASN CB  HB3  sing N N 49  
ASN CG  OD1  doub N N 50  
ASN CG  ND2  sing N N 51  
ASN ND2 HD21 sing N N 52  
ASN ND2 HD22 sing N N 53  
ASN OXT HXT  sing N N 54  
ASP N   CA   sing N N 55  
ASP N   H    sing N N 56  
ASP N   H2   sing N N 57  
ASP CA  C    sing N N 58  
ASP CA  CB   sing N N 59  
ASP CA  HA   sing N N 60  
ASP C   O    doub N N 61  
ASP C   OXT  sing N N 62  
ASP CB  CG   sing N N 63  
ASP CB  HB2  sing N N 64  
ASP CB  HB3  sing N N 65  
ASP CG  OD1  doub N N 66  
ASP CG  OD2  sing N N 67  
ASP OD2 HD2  sing N N 68  
ASP OXT HXT  sing N N 69  
CYS N   CA   sing N N 70  
CYS N   H    sing N N 71  
CYS N   H2   sing N N 72  
CYS CA  C    sing N N 73  
CYS CA  CB   sing N N 74  
CYS CA  HA   sing N N 75  
CYS C   O    doub N N 76  
CYS C   OXT  sing N N 77  
CYS CB  SG   sing N N 78  
CYS CB  HB2  sing N N 79  
CYS CB  HB3  sing N N 80  
CYS SG  HG   sing N N 81  
CYS OXT HXT  sing N N 82  
GLU N   CA   sing N N 83  
GLU N   H    sing N N 84  
GLU N   H2   sing N N 85  
GLU CA  C    sing N N 86  
GLU CA  CB   sing N N 87  
GLU CA  HA   sing N N 88  
GLU C   O    doub N N 89  
GLU C   OXT  sing N N 90  
GLU CB  CG   sing N N 91  
GLU CB  HB2  sing N N 92  
GLU CB  HB3  sing N N 93  
GLU CG  CD   sing N N 94  
GLU CG  HG2  sing N N 95  
GLU CG  HG3  sing N N 96  
GLU CD  OE1  doub N N 97  
GLU CD  OE2  sing N N 98  
GLU OE2 HE2  sing N N 99  
GLU OXT HXT  sing N N 100 
GLY N   CA   sing N N 101 
GLY N   H    sing N N 102 
GLY N   H2   sing N N 103 
GLY CA  C    sing N N 104 
GLY CA  HA2  sing N N 105 
GLY CA  HA3  sing N N 106 
GLY C   O    doub N N 107 
GLY C   OXT  sing N N 108 
GLY OXT HXT  sing N N 109 
LEU N   CA   sing N N 110 
LEU N   H    sing N N 111 
LEU N   H2   sing N N 112 
LEU CA  C    sing N N 113 
LEU CA  CB   sing N N 114 
LEU CA  HA   sing N N 115 
LEU C   O    doub N N 116 
LEU C   OXT  sing N N 117 
LEU CB  CG   sing N N 118 
LEU CB  HB2  sing N N 119 
LEU CB  HB3  sing N N 120 
LEU CG  CD1  sing N N 121 
LEU CG  CD2  sing N N 122 
LEU CG  HG   sing N N 123 
LEU CD1 HD11 sing N N 124 
LEU CD1 HD12 sing N N 125 
LEU CD1 HD13 sing N N 126 
LEU CD2 HD21 sing N N 127 
LEU CD2 HD22 sing N N 128 
LEU CD2 HD23 sing N N 129 
LEU OXT HXT  sing N N 130 
LYS N   CA   sing N N 131 
LYS N   H    sing N N 132 
LYS N   H2   sing N N 133 
LYS CA  C    sing N N 134 
LYS CA  CB   sing N N 135 
LYS CA  HA   sing N N 136 
LYS C   O    doub N N 137 
LYS C   OXT  sing N N 138 
LYS CB  CG   sing N N 139 
LYS CB  HB2  sing N N 140 
LYS CB  HB3  sing N N 141 
LYS CG  CD   sing N N 142 
LYS CG  HG2  sing N N 143 
LYS CG  HG3  sing N N 144 
LYS CD  CE   sing N N 145 
LYS CD  HD2  sing N N 146 
LYS CD  HD3  sing N N 147 
LYS CE  NZ   sing N N 148 
LYS CE  HE2  sing N N 149 
LYS CE  HE3  sing N N 150 
LYS NZ  HZ1  sing N N 151 
LYS NZ  HZ2  sing N N 152 
LYS NZ  HZ3  sing N N 153 
LYS OXT HXT  sing N N 154 
PRO N   CA   sing N N 155 
PRO N   CD   sing N N 156 
PRO N   H    sing N N 157 
PRO CA  C    sing N N 158 
PRO CA  CB   sing N N 159 
PRO CA  HA   sing N N 160 
PRO C   O    doub N N 161 
PRO C   OXT  sing N N 162 
PRO CB  CG   sing N N 163 
PRO CB  HB2  sing N N 164 
PRO CB  HB3  sing N N 165 
PRO CG  CD   sing N N 166 
PRO CG  HG2  sing N N 167 
PRO CG  HG3  sing N N 168 
PRO CD  HD2  sing N N 169 
PRO CD  HD3  sing N N 170 
PRO OXT HXT  sing N N 171 
SER N   CA   sing N N 172 
SER N   H    sing N N 173 
SER N   H2   sing N N 174 
SER CA  C    sing N N 175 
SER CA  CB   sing N N 176 
SER CA  HA   sing N N 177 
SER C   O    doub N N 178 
SER C   OXT  sing N N 179 
SER CB  OG   sing N N 180 
SER CB  HB2  sing N N 181 
SER CB  HB3  sing N N 182 
SER OG  HG   sing N N 183 
SER OXT HXT  sing N N 184 
THR N   CA   sing N N 185 
THR N   H    sing N N 186 
THR N   H2   sing N N 187 
THR CA  C    sing N N 188 
THR CA  CB   sing N N 189 
THR CA  HA   sing N N 190 
THR C   O    doub N N 191 
THR C   OXT  sing N N 192 
THR CB  OG1  sing N N 193 
THR CB  CG2  sing N N 194 
THR CB  HB   sing N N 195 
THR OG1 HG1  sing N N 196 
THR CG2 HG21 sing N N 197 
THR CG2 HG22 sing N N 198 
THR CG2 HG23 sing N N 199 
THR OXT HXT  sing N N 200 
TRP N   CA   sing N N 201 
TRP N   H    sing N N 202 
TRP N   H2   sing N N 203 
TRP CA  C    sing N N 204 
TRP CA  CB   sing N N 205 
TRP CA  HA   sing N N 206 
TRP C   O    doub N N 207 
TRP C   OXT  sing N N 208 
TRP CB  CG   sing N N 209 
TRP CB  HB2  sing N N 210 
TRP CB  HB3  sing N N 211 
TRP CG  CD1  doub Y N 212 
TRP CG  CD2  sing Y N 213 
TRP CD1 NE1  sing Y N 214 
TRP CD1 HD1  sing N N 215 
TRP CD2 CE2  doub Y N 216 
TRP CD2 CE3  sing Y N 217 
TRP NE1 CE2  sing Y N 218 
TRP NE1 HE1  sing N N 219 
TRP CE2 CZ2  sing Y N 220 
TRP CE3 CZ3  doub Y N 221 
TRP CE3 HE3  sing N N 222 
TRP CZ2 CH2  doub Y N 223 
TRP CZ2 HZ2  sing N N 224 
TRP CZ3 CH2  sing Y N 225 
TRP CZ3 HZ3  sing N N 226 
TRP CH2 HH2  sing N N 227 
TRP OXT HXT  sing N N 228 
TYR N   CA   sing N N 229 
TYR N   H    sing N N 230 
TYR N   H2   sing N N 231 
TYR CA  C    sing N N 232 
TYR CA  CB   sing N N 233 
TYR CA  HA   sing N N 234 
TYR C   O    doub N N 235 
TYR C   OXT  sing N N 236 
TYR CB  CG   sing N N 237 
TYR CB  HB2  sing N N 238 
TYR CB  HB3  sing N N 239 
TYR CG  CD1  doub Y N 240 
TYR CG  CD2  sing Y N 241 
TYR CD1 CE1  sing Y N 242 
TYR CD1 HD1  sing N N 243 
TYR CD2 CE2  doub Y N 244 
TYR CD2 HD2  sing N N 245 
TYR CE1 CZ   doub Y N 246 
TYR CE1 HE1  sing N N 247 
TYR CE2 CZ   sing Y N 248 
TYR CE2 HE2  sing N N 249 
TYR CZ  OH   sing N N 250 
TYR OH  HH   sing N N 251 
TYR OXT HXT  sing N N 252 
VAL N   CA   sing N N 253 
VAL N   H    sing N N 254 
VAL N   H2   sing N N 255 
VAL CA  C    sing N N 256 
VAL CA  CB   sing N N 257 
VAL CA  HA   sing N N 258 
VAL C   O    doub N N 259 
VAL C   OXT  sing N N 260 
VAL CB  CG1  sing N N 261 
VAL CB  CG2  sing N N 262 
VAL CB  HB   sing N N 263 
VAL CG1 HG11 sing N N 264 
VAL CG1 HG12 sing N N 265 
VAL CG1 HG13 sing N N 266 
VAL CG2 HG21 sing N N 267 
VAL CG2 HG22 sing N N 268 
VAL CG2 HG23 sing N N 269 
VAL OXT HXT  sing N N 270 
# 
_atom_sites.entry_id                    1NRA 
_atom_sites.fract_transf_matrix[1][1]   1.000000 
_atom_sites.fract_transf_matrix[1][2]   0.000000 
_atom_sites.fract_transf_matrix[1][3]   0.000000 
_atom_sites.fract_transf_matrix[2][1]   0.000000 
_atom_sites.fract_transf_matrix[2][2]   1.000000 
_atom_sites.fract_transf_matrix[2][3]   0.000000 
_atom_sites.fract_transf_matrix[3][1]   0.000000 
_atom_sites.fract_transf_matrix[3][2]   0.000000 
_atom_sites.fract_transf_matrix[3][3]   1.000000 
_atom_sites.fract_transf_vector[1]      0.00000 
_atom_sites.fract_transf_vector[2]      0.00000 
_atom_sites.fract_transf_vector[3]      0.00000 
# 
loop_
_atom_type.symbol 
C 
H 
N 
O 
S 
# 
loop_
_atom_site.group_PDB 
_atom_site.id 
_atom_site.type_symbol 
_atom_site.label_atom_id 
_atom_site.label_alt_id 
_atom_site.label_comp_id 
_atom_site.label_asym_id 
_atom_site.label_entity_id 
_atom_site.label_seq_id 
_atom_site.pdbx_PDB_ins_code 
_atom_site.Cartn_x 
_atom_site.Cartn_y 
_atom_site.Cartn_z 
_atom_site.occupancy 
_atom_site.B_iso_or_equiv 
_atom_site.pdbx_formal_charge 
_atom_site.auth_seq_id 
_atom_site.auth_comp_id 
_atom_site.auth_asym_id 
_atom_site.auth_atom_id 
_atom_site.pdbx_PDB_model_num 
ATOM 1   N N    . LYS A 1 1  ? 1.192   3.458   13.807  1.00 0.83 ? 1  LYS A N    1 
ATOM 2   C CA   . LYS A 1 1  ? 1.481   2.997   12.420  1.00 0.65 ? 1  LYS A CA   1 
ATOM 3   C C    . LYS A 1 1  ? 1.017   1.547   12.259  1.00 0.56 ? 1  LYS A C    1 
ATOM 4   O O    . LYS A 1 1  ? 0.629   0.901   13.212  1.00 0.66 ? 1  LYS A O    1 
ATOM 5   C CB   . LYS A 1 1  ? 2.985   3.084   12.156  1.00 0.79 ? 1  LYS A CB   1 
ATOM 6   C CG   . LYS A 1 1  ? 3.747   2.759   13.442  1.00 1.52 ? 1  LYS A CG   1 
ATOM 7   C CD   . LYS A 1 1  ? 5.237   3.043   13.239  1.00 1.81 ? 1  LYS A CD   1 
ATOM 8   C CE   . LYS A 1 1  ? 6.061   2.044   14.054  1.00 2.43 ? 1  LYS A CE   1 
ATOM 9   N NZ   . LYS A 1 1  ? 7.284   2.718   14.576  1.00 3.04 ? 1  LYS A NZ   1 
ATOM 10  H H1   . LYS A 1 1  ? 1.486   2.726   14.485  1.00 1.09 ? 1  LYS A H1   1 
ATOM 11  H H2   . LYS A 1 1  ? 1.716   4.337   13.996  1.00 1.18 ? 1  LYS A H2   1 
ATOM 12  H H3   . LYS A 1 1  ? 0.173   3.632   13.911  1.00 1.09 ? 1  LYS A H3   1 
ATOM 13  H HA   . LYS A 1 1  ? 0.954   3.623   11.716  1.00 0.65 ? 1  LYS A HA   1 
ATOM 14  H HB2  . LYS A 1 1  ? 3.257   2.376   11.387  1.00 1.14 ? 1  LYS A HB2  1 
ATOM 15  H HB3  . LYS A 1 1  ? 3.237   4.083   11.833  1.00 1.24 ? 1  LYS A HB3  1 
ATOM 16  H HG2  . LYS A 1 1  ? 3.369   3.370   14.248  1.00 2.15 ? 1  LYS A HG2  1 
ATOM 17  H HG3  . LYS A 1 1  ? 3.612   1.717   13.687  1.00 2.12 ? 1  LYS A HG3  1 
ATOM 18  H HD2  . LYS A 1 1  ? 5.482   2.945   12.192  1.00 2.20 ? 1  LYS A HD2  1 
ATOM 19  H HD3  . LYS A 1 1  ? 5.460   4.046   13.570  1.00 2.18 ? 1  LYS A HD3  1 
ATOM 20  H HE2  . LYS A 1 1  ? 5.471   1.680   14.882  1.00 2.82 ? 1  LYS A HE2  1 
ATOM 21  H HE3  . LYS A 1 1  ? 6.348   1.216   13.425  1.00 2.85 ? 1  LYS A HE3  1 
ATOM 22  H HZ1  . LYS A 1 1  ? 7.029   3.651   14.960  1.00 3.48 ? 1  LYS A HZ1  1 
ATOM 23  H HZ2  . LYS A 1 1  ? 7.708   2.137   15.326  1.00 3.35 ? 1  LYS A HZ2  1 
ATOM 24  H HZ3  . LYS A 1 1  ? 7.971   2.837   13.804  1.00 3.34 ? 1  LYS A HZ3  1 
ATOM 25  N N    . LYS A 1 2  ? 1.056   1.030   11.061  1.00 0.49 ? 2  LYS A N    1 
ATOM 26  C CA   . LYS A 1 2  ? 0.617   -0.378  10.847  1.00 0.49 ? 2  LYS A CA   1 
ATOM 27  C C    . LYS A 1 2  ? 0.928   -0.803  9.410   1.00 0.42 ? 2  LYS A C    1 
ATOM 28  O O    . LYS A 1 2  ? 1.130   0.018   8.537   1.00 0.48 ? 2  LYS A O    1 
ATOM 29  C CB   . LYS A 1 2  ? -0.890  -0.484  11.094  1.00 0.62 ? 2  LYS A CB   1 
ATOM 30  C CG   . LYS A 1 2  ? -1.610  0.660   10.373  1.00 0.93 ? 2  LYS A CG   1 
ATOM 31  C CD   . LYS A 1 2  ? -1.567  0.421   8.863   1.00 1.02 ? 2  LYS A CD   1 
ATOM 32  C CE   . LYS A 1 2  ? -2.877  0.894   8.231   1.00 0.92 ? 2  LYS A CE   1 
ATOM 33  N NZ   . LYS A 1 2  ? -3.177  2.281   8.685   1.00 0.88 ? 2  LYS A NZ   1 
ATOM 34  H H    . LYS A 1 2  ? 1.373   1.565   10.304  1.00 0.53 ? 2  LYS A H    1 
ATOM 35  H HA   . LYS A 1 2  ? 1.139   -1.026  11.535  1.00 0.59 ? 2  LYS A HA   1 
ATOM 36  H HB2  . LYS A 1 2  ? -1.250  -1.431  10.717  1.00 0.97 ? 2  LYS A HB2  1 
ATOM 37  H HB3  . LYS A 1 2  ? -1.087  -0.420  12.153  1.00 1.11 ? 2  LYS A HB3  1 
ATOM 38  H HG2  . LYS A 1 2  ? -2.638  0.701   10.703  1.00 1.63 ? 2  LYS A HG2  1 
ATOM 39  H HG3  . LYS A 1 2  ? -1.120  1.594   10.603  1.00 1.71 ? 2  LYS A HG3  1 
ATOM 40  H HD2  . LYS A 1 2  ? -0.741  0.971   8.435   1.00 1.73 ? 2  LYS A HD2  1 
ATOM 41  H HD3  . LYS A 1 2  ? -1.436  -0.633  8.667   1.00 1.64 ? 2  LYS A HD3  1 
ATOM 42  H HE2  . LYS A 1 2  ? -2.784  0.880   7.155   1.00 1.64 ? 2  LYS A HE2  1 
ATOM 43  H HE3  . LYS A 1 2  ? -3.679  0.235   8.531   1.00 1.57 ? 2  LYS A HE3  1 
ATOM 44  H HZ1  . LYS A 1 2  ? -2.358  2.660   9.202   1.00 1.59 ? 2  LYS A HZ1  1 
ATOM 45  H HZ2  . LYS A 1 2  ? -3.375  2.882   7.860   1.00 0.80 ? 2  LYS A HZ2  1 
ATOM 46  H HZ3  . LYS A 1 2  ? -4.008  2.270   9.310   1.00 1.54 ? 2  LYS A HZ3  1 
ATOM 47  N N    . ASP A 1 3  ? 0.963   -2.083  9.158   1.00 0.42 ? 3  ASP A N    1 
ATOM 48  C CA   . ASP A 1 3  ? 1.251   -2.573  7.785   1.00 0.37 ? 3  ASP A CA   1 
ATOM 49  C C    . ASP A 1 3  ? -0.064  -2.655  7.009   1.00 0.41 ? 3  ASP A C    1 
ATOM 50  O O    . ASP A 1 3  ? -1.132  -2.548  7.579   1.00 0.63 ? 3  ASP A O    1 
ATOM 51  C CB   . ASP A 1 3  ? 1.866   -3.969  7.877   1.00 0.53 ? 3  ASP A CB   1 
ATOM 52  C CG   . ASP A 1 3  ? 2.709   -4.073  9.148   1.00 0.71 ? 3  ASP A CG   1 
ATOM 53  O OD1  . ASP A 1 3  ? 3.476   -3.159  9.404   1.00 1.38 ? 3  ASP A OD1  1 
ATOM 54  O OD2  . ASP A 1 3  ? 2.575   -5.066  9.844   1.00 1.28 ? 3  ASP A OD2  1 
ATOM 55  H H    . ASP A 1 3  ? 0.792   -2.729  9.875   1.00 0.53 ? 3  ASP A H    1 
ATOM 56  H HA   . ASP A 1 3  ? 1.938   -1.902  7.286   1.00 0.40 ? 3  ASP A HA   1 
ATOM 57  H HB2  . ASP A 1 3  ? 1.075   -4.701  7.912   1.00 0.59 ? 3  ASP A HB2  1 
ATOM 58  H HB3  . ASP A 1 3  ? 2.490   -4.149  7.014   1.00 0.55 ? 3  ASP A HB3  1 
ATOM 59  N N    . GLY A 1 4  ? -0.012  -2.856  5.721   1.00 0.39 ? 4  GLY A N    1 
ATOM 60  C CA   . GLY A 1 4  ? -1.287  -2.951  4.951   1.00 0.59 ? 4  GLY A CA   1 
ATOM 61  C C    . GLY A 1 4  ? -1.091  -2.466  3.515   1.00 0.44 ? 4  GLY A C    1 
ATOM 62  O O    . GLY A 1 4  ? 0.015   -2.269  3.054   1.00 0.39 ? 4  GLY A O    1 
ATOM 63  H H    . GLY A 1 4  ? 0.856   -2.950  5.266   1.00 0.39 ? 4  GLY A H    1 
ATOM 64  H HA2  . GLY A 1 4  ? -1.617  -3.980  4.936   1.00 0.80 ? 4  GLY A HA2  1 
ATOM 65  H HA3  . GLY A 1 4  ? -2.038  -2.343  5.431   1.00 0.79 ? 4  GLY A HA3  1 
ATOM 66  N N    . TYR A 1 5  ? -2.172  -2.278  2.806   1.00 0.50 ? 5  TYR A N    1 
ATOM 67  C CA   . TYR A 1 5  ? -2.080  -1.810  1.393   1.00 0.44 ? 5  TYR A CA   1 
ATOM 68  C C    . TYR A 1 5  ? -2.370  -0.304  1.329   1.00 0.42 ? 5  TYR A C    1 
ATOM 69  O O    . TYR A 1 5  ? -3.508  0.106   1.454   1.00 0.43 ? 5  TYR A O    1 
ATOM 70  C CB   . TYR A 1 5  ? -3.124  -2.546  0.550   1.00 0.58 ? 5  TYR A CB   1 
ATOM 71  C CG   . TYR A 1 5  ? -2.843  -4.028  0.564   1.00 0.47 ? 5  TYR A CG   1 
ATOM 72  C CD1  . TYR A 1 5  ? -1.936  -4.576  -0.349  1.00 1.26 ? 5  TYR A CD1  1 
ATOM 73  C CD2  . TYR A 1 5  ? -3.494  -4.856  1.486   1.00 1.28 ? 5  TYR A CD2  1 
ATOM 74  C CE1  . TYR A 1 5  ? -1.681  -5.951  -0.343  1.00 1.27 ? 5  TYR A CE1  1 
ATOM 75  C CE2  . TYR A 1 5  ? -3.238  -6.232  1.494   1.00 1.31 ? 5  TYR A CE2  1 
ATOM 76  C CZ   . TYR A 1 5  ? -2.331  -6.780  0.580   1.00 0.58 ? 5  TYR A CZ   1 
ATOM 77  O OH   . TYR A 1 5  ? -2.079  -8.137  0.585   1.00 0.75 ? 5  TYR A OH   1 
ATOM 78  H H    . TYR A 1 5  ? -3.051  -2.450  3.205   1.00 0.65 ? 5  TYR A H    1 
ATOM 79  H HA   . TYR A 1 5  ? -1.095  -2.017  1.007   1.00 0.42 ? 5  TYR A HA   1 
ATOM 80  H HB2  . TYR A 1 5  ? -4.108  -2.364  0.957   1.00 0.73 ? 5  TYR A HB2  1 
ATOM 81  H HB3  . TYR A 1 5  ? -3.084  -2.184  -0.466  1.00 0.75 ? 5  TYR A HB3  1 
ATOM 82  H HD1  . TYR A 1 5  ? -1.433  -3.938  -1.059  1.00 2.13 ? 5  TYR A HD1  1 
ATOM 83  H HD2  . TYR A 1 5  ? -4.195  -4.433  2.191   1.00 2.15 ? 5  TYR A HD2  1 
ATOM 84  H HE1  . TYR A 1 5  ? -0.981  -6.374  -1.049  1.00 2.15 ? 5  TYR A HE1  1 
ATOM 85  H HE2  . TYR A 1 5  ? -3.741  -6.871  2.205   1.00 2.19 ? 5  TYR A HE2  1 
ATOM 86  H HH   . TYR A 1 5  ? -1.615  -8.349  1.398   1.00 1.17 ? 5  TYR A HH   1 
ATOM 87  N N    . PRO A 1 6  ? -1.338  0.480   1.136   1.00 0.44 ? 6  PRO A N    1 
ATOM 88  C CA   . PRO A 1 6  ? -1.477  1.944   1.053   1.00 0.46 ? 6  PRO A CA   1 
ATOM 89  C C    . PRO A 1 6  ? -2.349  2.327   -0.148  1.00 0.41 ? 6  PRO A C    1 
ATOM 90  O O    . PRO A 1 6  ? -1.973  2.131   -1.286  1.00 0.44 ? 6  PRO A O    1 
ATOM 91  C CB   . PRO A 1 6  ? -0.046  2.466   0.865   1.00 0.53 ? 6  PRO A CB   1 
ATOM 92  C CG   . PRO A 1 6  ? 0.900   1.238   0.819   1.00 0.55 ? 6  PRO A CG   1 
ATOM 93  C CD   . PRO A 1 6  ? 0.038   -0.023  0.989   1.00 0.51 ? 6  PRO A CD   1 
ATOM 94  H HA   . PRO A 1 6  ? -1.894  2.338   1.965   1.00 0.49 ? 6  PRO A HA   1 
ATOM 95  H HB2  . PRO A 1 6  ? 0.022   3.019   -0.062  1.00 0.54 ? 6  PRO A HB2  1 
ATOM 96  H HB3  . PRO A 1 6  ? 0.227   3.100   1.694   1.00 0.59 ? 6  PRO A HB3  1 
ATOM 97  H HG2  . PRO A 1 6  ? 1.415   1.208   -0.131  1.00 0.58 ? 6  PRO A HG2  1 
ATOM 98  H HG3  . PRO A 1 6  ? 1.615   1.298   1.624   1.00 0.60 ? 6  PRO A HG3  1 
ATOM 99  H HD2  . PRO A 1 6  ? 0.120   -0.654  0.114   1.00 0.54 ? 6  PRO A HD2  1 
ATOM 100 H HD3  . PRO A 1 6  ? 0.333   -0.564  1.873   1.00 0.57 ? 6  PRO A HD3  1 
ATOM 101 N N    . VAL A 1 7  ? -3.510  2.872   0.098   1.00 0.42 ? 7  VAL A N    1 
ATOM 102 C CA   . VAL A 1 7  ? -4.401  3.268   -1.029  1.00 0.41 ? 7  VAL A CA   1 
ATOM 103 C C    . VAL A 1 7  ? -4.423  4.793   -1.151  1.00 0.47 ? 7  VAL A C    1 
ATOM 104 O O    . VAL A 1 7  ? -4.389  5.504   -0.166  1.00 0.55 ? 7  VAL A O    1 
ATOM 105 C CB   . VAL A 1 7  ? -5.819  2.753   -0.769  1.00 0.42 ? 7  VAL A CB   1 
ATOM 106 C CG1  . VAL A 1 7  ? -5.776  1.245   -0.518  1.00 0.44 ? 7  VAL A CG1  1 
ATOM 107 C CG2  . VAL A 1 7  ? -6.405  3.457   0.458   1.00 0.47 ? 7  VAL A CG2  1 
ATOM 108 H H    . VAL A 1 7  ? -3.793  3.023   1.024   1.00 0.47 ? 7  VAL A H    1 
ATOM 109 H HA   . VAL A 1 7  ? -4.030  2.842   -1.948  1.00 0.40 ? 7  VAL A HA   1 
ATOM 110 H HB   . VAL A 1 7  ? -6.435  2.956   -1.630  1.00 0.45 ? 7  VAL A HB   1 
ATOM 111 H HG11 . VAL A 1 7  ? -5.096  1.033   0.294   1.00 1.16 ? 7  VAL A HG11 1 
ATOM 112 H HG12 . VAL A 1 7  ? -6.764  0.895   -0.260  1.00 1.09 ? 7  VAL A HG12 1 
ATOM 113 H HG13 . VAL A 1 7  ? -5.437  0.740   -1.411  1.00 1.07 ? 7  VAL A HG13 1 
ATOM 114 H HG21 . VAL A 1 7  ? -6.120  4.498   0.447   1.00 1.13 ? 7  VAL A HG21 1 
ATOM 115 H HG22 . VAL A 1 7  ? -7.482  3.377   0.438   1.00 1.15 ? 7  VAL A HG22 1 
ATOM 116 H HG23 . VAL A 1 7  ? -6.027  2.989   1.355   1.00 1.09 ? 7  VAL A HG23 1 
ATOM 117 N N    . ASP A 1 8  ? -4.478  5.300   -2.352  1.00 0.51 ? 8  ASP A N    1 
ATOM 118 C CA   . ASP A 1 8  ? -4.501  6.780   -2.531  1.00 0.61 ? 8  ASP A CA   1 
ATOM 119 C C    . ASP A 1 8  ? -5.833  7.331   -2.019  1.00 0.65 ? 8  ASP A C    1 
ATOM 120 O O    . ASP A 1 8  ? -6.547  6.674   -1.288  1.00 0.61 ? 8  ASP A O    1 
ATOM 121 C CB   . ASP A 1 8  ? -4.338  7.119   -4.016  1.00 0.66 ? 8  ASP A CB   1 
ATOM 122 C CG   . ASP A 1 8  ? -5.430  6.418   -4.824  1.00 0.72 ? 8  ASP A CG   1 
ATOM 123 O OD1  . ASP A 1 8  ? -6.387  5.961   -4.221  1.00 0.63 ? 8  ASP A OD1  1 
ATOM 124 O OD2  . ASP A 1 8  ? -5.293  6.350   -6.034  1.00 1.18 ? 8  ASP A OD2  1 
ATOM 125 H H    . ASP A 1 8  ? -4.504  4.709   -3.134  1.00 0.52 ? 8  ASP A H    1 
ATOM 126 H HA   . ASP A 1 8  ? -3.690  7.221   -1.971  1.00 0.66 ? 8  ASP A HA   1 
ATOM 127 H HB2  . ASP A 1 8  ? -4.419  8.187   -4.151  1.00 0.79 ? 8  ASP A HB2  1 
ATOM 128 H HB3  . ASP A 1 8  ? -3.371  6.784   -4.357  1.00 0.72 ? 8  ASP A HB3  1 
ATOM 129 N N    . SER A 1 9  ? -6.173  8.535   -2.390  1.00 0.78 ? 9  SER A N    1 
ATOM 130 C CA   . SER A 1 9  ? -7.458  9.125   -1.919  1.00 0.86 ? 9  SER A CA   1 
ATOM 131 C C    . SER A 1 9  ? -8.630  8.360   -2.537  1.00 0.82 ? 9  SER A C    1 
ATOM 132 O O    . SER A 1 9  ? -9.729  8.366   -2.018  1.00 0.96 ? 9  SER A O    1 
ATOM 133 C CB   . SER A 1 9  ? -7.529  10.593  -2.340  1.00 1.03 ? 9  SER A CB   1 
ATOM 134 O OG   . SER A 1 9  ? -7.285  10.693  -3.738  1.00 1.29 ? 9  SER A OG   1 
ATOM 135 H H    . SER A 1 9  ? -5.582  9.052   -2.977  1.00 0.84 ? 9  SER A H    1 
ATOM 136 H HA   . SER A 1 9  ? -7.511  9.057   -0.843  1.00 0.87 ? 9  SER A HA   1 
ATOM 137 H HB2  . SER A 1 9  ? -8.509  10.985  -2.123  1.00 1.23 ? 9  SER A HB2  1 
ATOM 138 H HB3  . SER A 1 9  ? -6.787  11.160  -1.793  1.00 1.20 ? 9  SER A HB3  1 
ATOM 139 H HG   . SER A 1 9  ? -7.746  11.468  -4.065  1.00 1.64 ? 9  SER A HG   1 
ATOM 140 N N    . GLY A 1 10 ? -8.409  7.705   -3.643  1.00 0.74 ? 10 GLY A N    1 
ATOM 141 C CA   . GLY A 1 10 ? -9.513  6.946   -4.294  1.00 0.73 ? 10 GLY A CA   1 
ATOM 142 C C    . GLY A 1 10 ? -9.651  5.565   -3.646  1.00 0.62 ? 10 GLY A C    1 
ATOM 143 O O    . GLY A 1 10 ? -10.549 4.811   -3.964  1.00 0.65 ? 10 GLY A O    1 
ATOM 144 H H    . GLY A 1 10 ? -7.517  7.716   -4.048  1.00 0.77 ? 10 GLY A H    1 
ATOM 145 H HA2  . GLY A 1 10 ? -10.440 7.491   -4.180  1.00 0.82 ? 10 GLY A HA2  1 
ATOM 146 H HA3  . GLY A 1 10 ? -9.296  6.824   -5.345  1.00 0.77 ? 10 GLY A HA3  1 
ATOM 147 N N    . ASN A 1 11 ? -8.767  5.226   -2.745  1.00 0.55 ? 11 ASN A N    1 
ATOM 148 C CA   . ASN A 1 11 ? -8.849  3.892   -2.084  1.00 0.51 ? 11 ASN A CA   1 
ATOM 149 C C    . ASN A 1 11 ? -8.292  2.832   -3.028  1.00 0.48 ? 11 ASN A C    1 
ATOM 150 O O    . ASN A 1 11 ? -8.827  1.747   -3.158  1.00 0.57 ? 11 ASN A O    1 
ATOM 151 C CB   . ASN A 1 11 ? -10.305 3.569   -1.740  1.00 0.60 ? 11 ASN A CB   1 
ATOM 152 C CG   . ASN A 1 11 ? -10.351 2.640   -0.526  1.00 0.75 ? 11 ASN A CG   1 
ATOM 153 O OD1  . ASN A 1 11 ? -9.369  2.486   0.174   1.00 1.29 ? 11 ASN A OD1  1 
ATOM 154 N ND2  . ASN A 1 11 ? -11.457 2.008   -0.245  1.00 0.99 ? 11 ASN A ND2  1 
ATOM 155 H H    . ASN A 1 11 ? -8.046  5.846   -2.506  1.00 0.57 ? 11 ASN A H    1 
ATOM 156 H HA   . ASN A 1 11 ? -8.258  3.908   -1.182  1.00 0.52 ? 11 ASN A HA   1 
ATOM 157 H HB2  . ASN A 1 11 ? -10.833 4.484   -1.514  1.00 0.69 ? 11 ASN A HB2  1 
ATOM 158 H HB3  . ASN A 1 11 ? -10.773 3.082   -2.582  1.00 0.68 ? 11 ASN A HB3  1 
ATOM 159 H HD21 . ASN A 1 11 ? -12.250 2.132   -0.808  1.00 1.40 ? 11 ASN A HD21 1 
ATOM 160 H HD22 . ASN A 1 11 ? -11.497 1.411   0.531   1.00 1.13 ? 11 ASN A HD22 1 
ATOM 161 N N    . CYS A 1 12 ? -7.215  3.145   -3.687  1.00 0.45 ? 12 CYS A N    1 
ATOM 162 C CA   . CYS A 1 12 ? -6.598  2.186   -4.628  1.00 0.51 ? 12 CYS A CA   1 
ATOM 163 C C    . CYS A 1 12 ? -5.220  1.781   -4.100  1.00 0.46 ? 12 CYS A C    1 
ATOM 164 O O    . CYS A 1 12 ? -4.306  2.581   -4.048  1.00 0.51 ? 12 CYS A O    1 
ATOM 165 C CB   . CYS A 1 12 ? -6.443  2.872   -5.979  1.00 0.66 ? 12 CYS A CB   1 
ATOM 166 S SG   . CYS A 1 12 ? -7.984  3.725   -6.404  1.00 1.09 ? 12 CYS A SG   1 
ATOM 167 H H    . CYS A 1 12 ? -6.810  4.021   -3.565  1.00 0.48 ? 12 CYS A H    1 
ATOM 168 H HA   . CYS A 1 12 ? -7.224  1.313   -4.730  1.00 0.58 ? 12 CYS A HA   1 
ATOM 169 H HB2  . CYS A 1 12 ? -5.636  3.588   -5.932  1.00 0.80 ? 12 CYS A HB2  1 
ATOM 170 H HB3  . CYS A 1 12 ? -6.224  2.137   -6.725  1.00 0.91 ? 12 CYS A HB3  1 
ATOM 171 N N    . LYS A 1 13 ? -5.061  0.547   -3.704  1.00 0.46 ? 13 LYS A N    1 
ATOM 172 C CA   . LYS A 1 13 ? -3.740  0.099   -3.178  1.00 0.45 ? 13 LYS A CA   1 
ATOM 173 C C    . LYS A 1 13 ? -2.723  0.058   -4.318  1.00 0.43 ? 13 LYS A C    1 
ATOM 174 O O    . LYS A 1 13 ? -2.875  -0.678  -5.272  1.00 0.53 ? 13 LYS A O    1 
ATOM 175 C CB   . LYS A 1 13 ? -3.876  -1.297  -2.569  1.00 0.52 ? 13 LYS A CB   1 
ATOM 176 C CG   . LYS A 1 13 ? -4.413  -2.265  -3.624  1.00 1.31 ? 13 LYS A CG   1 
ATOM 177 C CD   . LYS A 1 13 ? -5.041  -3.476  -2.933  1.00 2.06 ? 13 LYS A CD   1 
ATOM 178 C CE   . LYS A 1 13 ? -6.375  -3.812  -3.604  1.00 2.95 ? 13 LYS A CE   1 
ATOM 179 N NZ   . LYS A 1 13 ? -6.265  -5.126  -4.297  1.00 3.79 ? 13 LYS A NZ   1 
ATOM 180 H H    . LYS A 1 13 ? -5.810  -0.082  -3.750  1.00 0.53 ? 13 LYS A H    1 
ATOM 181 H HA   . LYS A 1 13 ? -3.402  0.791   -2.420  1.00 0.47 ? 13 LYS A HA   1 
ATOM 182 H HB2  . LYS A 1 13 ? -2.909  -1.635  -2.229  1.00 1.17 ? 13 LYS A HB2  1 
ATOM 183 H HB3  . LYS A 1 13 ? -4.560  -1.261  -1.734  1.00 1.12 ? 13 LYS A HB3  1 
ATOM 184 H HG2  . LYS A 1 13 ? -5.158  -1.766  -4.227  1.00 1.97 ? 13 LYS A HG2  1 
ATOM 185 H HG3  . LYS A 1 13 ? -3.601  -2.596  -4.255  1.00 1.85 ? 13 LYS A HG3  1 
ATOM 186 H HD2  . LYS A 1 13 ? -4.374  -4.323  -3.012  1.00 2.47 ? 13 LYS A HD2  1 
ATOM 187 H HD3  . LYS A 1 13 ? -5.212  -3.248  -1.892  1.00 2.42 ? 13 LYS A HD3  1 
ATOM 188 H HE2  . LYS A 1 13 ? -7.151  -3.862  -2.856  1.00 3.29 ? 13 LYS A HE2  1 
ATOM 189 H HE3  . LYS A 1 13 ? -6.618  -3.044  -4.324  1.00 3.29 ? 13 LYS A HE3  1 
ATOM 190 H HZ1  . LYS A 1 13 ? -5.293  -5.256  -4.641  1.00 4.14 ? 13 LYS A HZ1  1 
ATOM 191 H HZ2  . LYS A 1 13 ? -6.503  -5.889  -3.633  1.00 4.13 ? 13 LYS A HZ2  1 
ATOM 192 H HZ3  . LYS A 1 13 ? -6.923  -5.152  -5.099  1.00 4.18 ? 13 LYS A HZ3  1 
ATOM 193 N N    . TYR A 1 14 ? -1.682  0.839   -4.226  1.00 0.42 ? 14 TYR A N    1 
ATOM 194 C CA   . TYR A 1 14 ? -0.656  0.839   -5.305  1.00 0.45 ? 14 TYR A CA   1 
ATOM 195 C C    . TYR A 1 14 ? -0.245  -0.601  -5.612  1.00 0.42 ? 14 TYR A C    1 
ATOM 196 O O    . TYR A 1 14 ? -0.062  -1.407  -4.722  1.00 0.54 ? 14 TYR A O    1 
ATOM 197 C CB   . TYR A 1 14 ? 0.568   1.634   -4.845  1.00 0.50 ? 14 TYR A CB   1 
ATOM 198 C CG   . TYR A 1 14 ? 0.119   2.959   -4.277  1.00 0.49 ? 14 TYR A CG   1 
ATOM 199 C CD1  . TYR A 1 14 ? -0.225  4.008   -5.135  1.00 1.34 ? 14 TYR A CD1  1 
ATOM 200 C CD2  . TYR A 1 14 ? 0.047   3.135   -2.890  1.00 1.28 ? 14 TYR A CD2  1 
ATOM 201 C CE1  . TYR A 1 14 ? -0.642  5.236   -4.607  1.00 1.39 ? 14 TYR A CE1  1 
ATOM 202 C CE2  . TYR A 1 14 ? -0.370  4.363   -2.362  1.00 1.28 ? 14 TYR A CE2  1 
ATOM 203 C CZ   . TYR A 1 14 ? -0.715  5.413   -3.221  1.00 0.60 ? 14 TYR A CZ   1 
ATOM 204 O OH   . TYR A 1 14 ? -1.126  6.623   -2.700  1.00 0.70 ? 14 TYR A OH   1 
ATOM 205 H H    . TYR A 1 14 ? -1.575  1.425   -3.447  1.00 0.48 ? 14 TYR A H    1 
ATOM 206 H HA   . TYR A 1 14 ? -1.068  1.293   -6.194  1.00 0.49 ? 14 TYR A HA   1 
ATOM 207 H HB2  . TYR A 1 14 ? 1.096   1.076   -4.087  1.00 0.53 ? 14 TYR A HB2  1 
ATOM 208 H HB3  . TYR A 1 14 ? 1.221   1.807   -5.687  1.00 0.58 ? 14 TYR A HB3  1 
ATOM 209 H HD1  . TYR A 1 14 ? -0.169  3.872   -6.205  1.00 2.22 ? 14 TYR A HD1  1 
ATOM 210 H HD2  . TYR A 1 14 ? 0.312   2.325   -2.227  1.00 2.18 ? 14 TYR A HD2  1 
ATOM 211 H HE1  . TYR A 1 14 ? -0.908  6.046   -5.271  1.00 2.29 ? 14 TYR A HE1  1 
ATOM 212 H HE2  . TYR A 1 14 ? -0.427  4.499   -1.292  1.00 2.15 ? 14 TYR A HE2  1 
ATOM 213 H HH   . TYR A 1 14 ? -1.667  7.062   -3.360  1.00 1.09 ? 14 TYR A HH   1 
ATOM 214 N N    . GLU A 1 15 ? -0.101  -0.931  -6.865  1.00 0.47 ? 15 GLU A N    1 
ATOM 215 C CA   . GLU A 1 15 ? 0.296   -2.320  -7.232  1.00 0.48 ? 15 GLU A CA   1 
ATOM 216 C C    . GLU A 1 15 ? 1.816   -2.401  -7.362  1.00 0.52 ? 15 GLU A C    1 
ATOM 217 O O    . GLU A 1 15 ? 2.526   -1.479  -7.013  1.00 0.79 ? 15 GLU A O    1 
ATOM 218 C CB   . GLU A 1 15 ? -0.341  -2.690  -8.567  1.00 0.68 ? 15 GLU A CB   1 
ATOM 219 C CG   . GLU A 1 15 ? -1.714  -3.320  -8.324  1.00 1.59 ? 15 GLU A CG   1 
ATOM 220 C CD   . GLU A 1 15 ? -2.452  -3.462  -9.656  1.00 2.06 ? 15 GLU A CD   1 
ATOM 221 O OE1  . GLU A 1 15 ? -1.994  -2.887  -10.629 1.00 2.49 ? 15 GLU A OE1  1 
ATOM 222 O OE2  . GLU A 1 15 ? -3.463  -4.146  -9.681  1.00 2.68 ? 15 GLU A OE2  1 
ATOM 223 H H    . GLU A 1 15 ? -0.255  -0.264  -7.567  1.00 0.61 ? 15 GLU A H    1 
ATOM 224 H HA   . GLU A 1 15 ? -0.039  -3.007  -6.469  1.00 0.51 ? 15 GLU A HA   1 
ATOM 225 H HB2  . GLU A 1 15 ? -0.453  -1.800  -9.168  1.00 1.18 ? 15 GLU A HB2  1 
ATOM 226 H HB3  . GLU A 1 15 ? 0.292   -3.397  -9.082  1.00 1.19 ? 15 GLU A HB3  1 
ATOM 227 H HG2  . GLU A 1 15 ? -1.588  -4.294  -7.874  1.00 2.19 ? 15 GLU A HG2  1 
ATOM 228 H HG3  . GLU A 1 15 ? -2.288  -2.689  -7.663  1.00 2.18 ? 15 GLU A HG3  1 
ATOM 229 N N    . CYS A 1 16 ? 2.327   -3.496  -7.861  1.00 0.47 ? 16 CYS A N    1 
ATOM 230 C CA   . CYS A 1 16 ? 3.807   -3.615  -8.002  1.00 0.60 ? 16 CYS A CA   1 
ATOM 231 C C    . CYS A 1 16 ? 4.178   -4.855  -8.816  1.00 0.65 ? 16 CYS A C    1 
ATOM 232 O O    . CYS A 1 16 ? 3.338   -5.649  -9.189  1.00 0.88 ? 16 CYS A O    1 
ATOM 233 C CB   . CYS A 1 16 ? 4.440   -3.731  -6.618  1.00 0.90 ? 16 CYS A CB   1 
ATOM 234 S SG   . CYS A 1 16 ? 3.359   -4.701  -5.532  1.00 1.48 ? 16 CYS A SG   1 
ATOM 235 H H    . CYS A 1 16 ? 1.741   -4.233  -8.134  1.00 0.55 ? 16 CYS A H    1 
ATOM 236 H HA   . CYS A 1 16 ? 4.191   -2.736  -8.496  1.00 0.83 ? 16 CYS A HA   1 
ATOM 237 H HB2  . CYS A 1 16 ? 5.400   -4.220  -6.701  1.00 1.25 ? 16 CYS A HB2  1 
ATOM 238 H HB3  . CYS A 1 16 ? 4.576   -2.744  -6.206  1.00 1.01 ? 16 CYS A HB3  1 
ATOM 239 N N    . LEU A 1 17 ? 5.447   -5.022  -9.076  1.00 0.68 ? 17 LEU A N    1 
ATOM 240 C CA   . LEU A 1 17 ? 5.913   -6.205  -9.850  1.00 0.88 ? 17 LEU A CA   1 
ATOM 241 C C    . LEU A 1 17 ? 7.048   -6.887  -9.079  1.00 0.74 ? 17 LEU A C    1 
ATOM 242 O O    . LEU A 1 17 ? 7.185   -8.093  -9.095  1.00 0.92 ? 17 LEU A O    1 
ATOM 243 C CB   . LEU A 1 17 ? 6.424   -5.755  -11.222 1.00 1.23 ? 17 LEU A CB   1 
ATOM 244 C CG   . LEU A 1 17 ? 5.615   -4.550  -11.704 1.00 1.49 ? 17 LEU A CG   1 
ATOM 245 C CD1  . LEU A 1 17 ? 6.310   -3.919  -12.912 1.00 2.07 ? 17 LEU A CD1  1 
ATOM 246 C CD2  . LEU A 1 17 ? 4.212   -5.006  -12.109 1.00 1.89 ? 17 LEU A CD2  1 
ATOM 247 H H    . LEU A 1 17 ? 6.098   -4.366  -8.752  1.00 0.74 ? 17 LEU A H    1 
ATOM 248 H HA   . LEU A 1 17 ? 5.095   -6.898  -9.978  1.00 1.06 ? 17 LEU A HA   1 
ATOM 249 H HB2  . LEU A 1 17 ? 7.467   -5.482  -11.145 1.00 1.65 ? 17 LEU A HB2  1 
ATOM 250 H HB3  . LEU A 1 17 ? 6.315   -6.565  -11.928 1.00 1.53 ? 17 LEU A HB3  1 
ATOM 251 H HG   . LEU A 1 17 ? 5.545   -3.821  -10.909 1.00 1.73 ? 17 LEU A HG   1 
ATOM 252 H HD11 . LEU A 1 17 ? 7.344   -4.229  -12.935 1.00 2.46 ? 17 LEU A HD11 1 
ATOM 253 H HD12 . LEU A 1 17 ? 5.817   -4.238  -13.817 1.00 2.49 ? 17 LEU A HD12 1 
ATOM 254 H HD13 . LEU A 1 17 ? 6.260   -2.842  -12.834 1.00 2.46 ? 17 LEU A HD13 1 
ATOM 255 H HD21 . LEU A 1 17 ? 4.283   -5.908  -12.698 1.00 2.30 ? 17 LEU A HD21 1 
ATOM 256 H HD22 . LEU A 1 17 ? 3.627   -5.201  -11.221 1.00 2.28 ? 17 LEU A HD22 1 
ATOM 257 H HD23 . LEU A 1 17 ? 3.735   -4.232  -12.690 1.00 2.29 ? 17 LEU A HD23 1 
ATOM 258 N N    . LYS A 1 18 ? 7.861   -6.120  -8.396  1.00 0.63 ? 18 LYS A N    1 
ATOM 259 C CA   . LYS A 1 18 ? 8.981   -6.720  -7.618  1.00 0.58 ? 18 LYS A CA   1 
ATOM 260 C C    . LYS A 1 18 ? 8.823   -6.349  -6.141  1.00 0.54 ? 18 LYS A C    1 
ATOM 261 O O    . LYS A 1 18 ? 7.785   -5.878  -5.720  1.00 0.63 ? 18 LYS A O    1 
ATOM 262 C CB   . LYS A 1 18 ? 10.312  -6.181  -8.148  1.00 0.69 ? 18 LYS A CB   1 
ATOM 263 C CG   . LYS A 1 18 ? 10.678  -6.910  -9.442  1.00 1.23 ? 18 LYS A CG   1 
ATOM 264 C CD   . LYS A 1 18 ? 11.445  -5.961  -10.365 1.00 1.68 ? 18 LYS A CD   1 
ATOM 265 C CE   . LYS A 1 18 ? 12.743  -6.629  -10.821 1.00 2.29 ? 18 LYS A CE   1 
ATOM 266 N NZ   . LYS A 1 18 ? 12.558  -7.194  -12.187 1.00 3.01 ? 18 LYS A NZ   1 
ATOM 267 H H    . LYS A 1 18 ? 7.733   -5.150  -8.392  1.00 0.73 ? 18 LYS A H    1 
ATOM 268 H HA   . LYS A 1 18 ? 8.958   -7.795  -7.725  1.00 0.63 ? 18 LYS A HA   1 
ATOM 269 H HB2  . LYS A 1 18 ? 10.220  -5.123  -8.342  1.00 0.98 ? 18 LYS A HB2  1 
ATOM 270 H HB3  . LYS A 1 18 ? 11.086  -6.347  -7.413  1.00 0.97 ? 18 LYS A HB3  1 
ATOM 271 H HG2  . LYS A 1 18 ? 11.296  -7.767  -9.211  1.00 1.86 ? 18 LYS A HG2  1 
ATOM 272 H HG3  . LYS A 1 18 ? 9.776   -7.240  -9.936  1.00 1.81 ? 18 LYS A HG3  1 
ATOM 273 H HD2  . LYS A 1 18 ? 10.837  -5.728  -11.227 1.00 2.12 ? 18 LYS A HD2  1 
ATOM 274 H HD3  . LYS A 1 18 ? 11.678  -5.052  -9.832  1.00 2.22 ? 18 LYS A HD3  1 
ATOM 275 H HE2  . LYS A 1 18 ? 13.537  -5.898  -10.838 1.00 2.70 ? 18 LYS A HE2  1 
ATOM 276 H HE3  . LYS A 1 18 ? 13.000  -7.423  -10.134 1.00 2.62 ? 18 LYS A HE3  1 
ATOM 277 H HZ1  . LYS A 1 18 ? 11.555  -7.138  -12.453 1.00 3.45 ? 18 LYS A HZ1  1 
ATOM 278 H HZ2  . LYS A 1 18 ? 13.129  -6.651  -12.866 1.00 3.32 ? 18 LYS A HZ2  1 
ATOM 279 H HZ3  . LYS A 1 18 ? 12.861  -8.188  -12.195 1.00 3.34 ? 18 LYS A HZ3  1 
ATOM 280 N N    . ASP A 1 19 ? 9.837   -6.563  -5.347  1.00 0.51 ? 19 ASP A N    1 
ATOM 281 C CA   . ASP A 1 19 ? 9.729   -6.226  -3.898  1.00 0.49 ? 19 ASP A CA   1 
ATOM 282 C C    . ASP A 1 19 ? 10.372  -4.863  -3.624  1.00 0.47 ? 19 ASP A C    1 
ATOM 283 O O    . ASP A 1 19 ? 10.012  -4.176  -2.689  1.00 0.48 ? 19 ASP A O    1 
ATOM 284 C CB   . ASP A 1 19 ? 10.445  -7.299  -3.074  1.00 0.54 ? 19 ASP A CB   1 
ATOM 285 C CG   . ASP A 1 19 ? 10.323  -6.965  -1.586  1.00 0.74 ? 19 ASP A CG   1 
ATOM 286 O OD1  . ASP A 1 19 ? 10.683  -5.861  -1.215  1.00 1.40 ? 19 ASP A OD1  1 
ATOM 287 O OD2  . ASP A 1 19 ? 9.872   -7.820  -0.842  1.00 1.38 ? 19 ASP A OD2  1 
ATOM 288 H H    . ASP A 1 19 ? 10.665  -6.949  -5.701  1.00 0.58 ? 19 ASP A H    1 
ATOM 289 H HA   . ASP A 1 19 ? 8.688   -6.195  -3.614  1.00 0.49 ? 19 ASP A HA   1 
ATOM 290 H HB2  . ASP A 1 19 ? 9.994   -8.262  -3.266  1.00 0.72 ? 19 ASP A HB2  1 
ATOM 291 H HB3  . ASP A 1 19 ? 11.489  -7.328  -3.349  1.00 0.66 ? 19 ASP A HB3  1 
ATOM 292 N N    . ASP A 1 20 ? 11.325  -4.467  -4.423  1.00 0.50 ? 20 ASP A N    1 
ATOM 293 C CA   . ASP A 1 20 ? 11.991  -3.162  -4.203  1.00 0.52 ? 20 ASP A CA   1 
ATOM 294 C C    . ASP A 1 20 ? 11.032  -2.023  -4.551  1.00 0.47 ? 20 ASP A C    1 
ATOM 295 O O    . ASP A 1 20 ? 11.125  -0.938  -4.014  1.00 0.52 ? 20 ASP A O    1 
ATOM 296 C CB   . ASP A 1 20 ? 13.230  -3.102  -5.095  1.00 0.61 ? 20 ASP A CB   1 
ATOM 297 C CG   . ASP A 1 20 ? 12.824  -2.786  -6.537  1.00 1.10 ? 20 ASP A CG   1 
ATOM 298 O OD1  . ASP A 1 20 ? 12.087  -3.572  -7.110  1.00 1.79 ? 20 ASP A OD1  1 
ATOM 299 O OD2  . ASP A 1 20 ? 13.257  -1.764  -7.043  1.00 1.75 ? 20 ASP A OD2  1 
ATOM 300 H H    . ASP A 1 20 ? 11.612  -5.029  -5.168  1.00 0.56 ? 20 ASP A H    1 
ATOM 301 H HA   . ASP A 1 20 ? 12.289  -3.073  -3.164  1.00 0.53 ? 20 ASP A HA   1 
ATOM 302 H HB2  . ASP A 1 20 ? 13.887  -2.342  -4.732  1.00 0.91 ? 20 ASP A HB2  1 
ATOM 303 H HB3  . ASP A 1 20 ? 13.736  -4.055  -5.068  1.00 0.99 ? 20 ASP A HB3  1 
ATOM 304 N N    . TYR A 1 21 ? 10.106  -2.257  -5.438  1.00 0.49 ? 21 TYR A N    1 
ATOM 305 C CA   . TYR A 1 21 ? 9.146   -1.179  -5.798  1.00 0.47 ? 21 TYR A CA   1 
ATOM 306 C C    . TYR A 1 21 ? 8.231   -0.920  -4.603  1.00 0.40 ? 21 TYR A C    1 
ATOM 307 O O    . TYR A 1 21 ? 7.782   0.187   -4.375  1.00 0.47 ? 21 TYR A O    1 
ATOM 308 C CB   . TYR A 1 21 ? 8.306   -1.616  -6.999  1.00 0.53 ? 21 TYR A CB   1 
ATOM 309 C CG   . TYR A 1 21 ? 7.237   -0.583  -7.262  1.00 0.55 ? 21 TYR A CG   1 
ATOM 310 C CD1  . TYR A 1 21 ? 7.548   0.780   -7.186  1.00 1.36 ? 21 TYR A CD1  1 
ATOM 311 C CD2  . TYR A 1 21 ? 5.936   -0.987  -7.582  1.00 1.25 ? 21 TYR A CD2  1 
ATOM 312 C CE1  . TYR A 1 21 ? 6.558   1.739   -7.429  1.00 1.41 ? 21 TYR A CE1  1 
ATOM 313 C CE2  . TYR A 1 21 ? 4.946   -0.028  -7.825  1.00 1.29 ? 21 TYR A CE2  1 
ATOM 314 C CZ   . TYR A 1 21 ? 5.256   1.335   -7.748  1.00 0.74 ? 21 TYR A CZ   1 
ATOM 315 O OH   . TYR A 1 21 ? 4.279   2.279   -7.987  1.00 0.87 ? 21 TYR A OH   1 
ATOM 316 H H    . TYR A 1 21 ? 10.040  -3.139  -5.860  1.00 0.57 ? 21 TYR A H    1 
ATOM 317 H HA   . TYR A 1 21 ? 9.687   -0.278  -6.043  1.00 0.50 ? 21 TYR A HA   1 
ATOM 318 H HB2  . TYR A 1 21 ? 8.941   -1.709  -7.869  1.00 0.60 ? 21 TYR A HB2  1 
ATOM 319 H HB3  . TYR A 1 21 ? 7.841   -2.567  -6.788  1.00 0.54 ? 21 TYR A HB3  1 
ATOM 320 H HD1  . TYR A 1 21 ? 8.553   1.092   -6.940  1.00 2.19 ? 21 TYR A HD1  1 
ATOM 321 H HD2  . TYR A 1 21 ? 5.696   -2.038  -7.640  1.00 2.09 ? 21 TYR A HD2  1 
ATOM 322 H HE1  . TYR A 1 21 ? 6.797   2.791   -7.370  1.00 2.26 ? 21 TYR A HE1  1 
ATOM 323 H HE2  . TYR A 1 21 ? 3.941   -0.340  -8.071  1.00 2.12 ? 21 TYR A HE2  1 
ATOM 324 H HH   . TYR A 1 21 ? 4.671   3.148   -7.867  1.00 1.24 ? 21 TYR A HH   1 
ATOM 325 N N    . CYS A 1 22 ? 7.960   -1.937  -3.831  1.00 0.37 ? 22 CYS A N    1 
ATOM 326 C CA   . CYS A 1 22 ? 7.083   -1.763  -2.642  1.00 0.35 ? 22 CYS A CA   1 
ATOM 327 C C    . CYS A 1 22 ? 7.877   -1.115  -1.518  1.00 0.34 ? 22 CYS A C    1 
ATOM 328 O O    . CYS A 1 22 ? 7.425   -0.194  -0.887  1.00 0.36 ? 22 CYS A O    1 
ATOM 329 C CB   . CYS A 1 22 ? 6.592   -3.126  -2.164  1.00 0.41 ? 22 CYS A CB   1 
ATOM 330 S SG   . CYS A 1 22 ? 5.365   -3.783  -3.315  1.00 0.70 ? 22 CYS A SG   1 
ATOM 331 H H    . CYS A 1 22 ? 8.339   -2.817  -4.034  1.00 0.43 ? 22 CYS A H    1 
ATOM 332 H HA   . CYS A 1 22 ? 6.241   -1.140  -2.895  1.00 0.36 ? 22 CYS A HA   1 
ATOM 333 H HB2  . CYS A 1 22 ? 7.429   -3.807  -2.107  1.00 0.53 ? 22 CYS A HB2  1 
ATOM 334 H HB3  . CYS A 1 22 ? 6.151   -3.022  -1.184  1.00 0.73 ? 22 CYS A HB3  1 
ATOM 335 N N    . ASN A 1 23 ? 9.055   -1.600  -1.266  1.00 0.40 ? 23 ASN A N    1 
ATOM 336 C CA   . ASN A 1 23 ? 9.896   -1.027  -0.181  1.00 0.42 ? 23 ASN A CA   1 
ATOM 337 C C    . ASN A 1 23 ? 10.091  0.459   -0.431  1.00 0.40 ? 23 ASN A C    1 
ATOM 338 O O    . ASN A 1 23 ? 9.949   1.274   0.453   1.00 0.42 ? 23 ASN A O    1 
ATOM 339 C CB   . ASN A 1 23 ? 11.251  -1.725  -0.217  1.00 0.51 ? 23 ASN A CB   1 
ATOM 340 C CG   . ASN A 1 23 ? 11.978  -1.523  1.114   1.00 0.64 ? 23 ASN A CG   1 
ATOM 341 O OD1  . ASN A 1 23 ? 11.427  -1.780  2.165   1.00 1.09 ? 23 ASN A OD1  1 
ATOM 342 N ND2  . ASN A 1 23 ? 13.202  -1.070  1.113   1.00 1.10 ? 23 ASN A ND2  1 
ATOM 343 H H    . ASN A 1 23 ? 9.394   -2.348  -1.795  1.00 0.46 ? 23 ASN A H    1 
ATOM 344 H HA   . ASN A 1 23 ? 9.420   -1.177  0.781   1.00 0.42 ? 23 ASN A HA   1 
ATOM 345 H HB2  . ASN A 1 23 ? 11.098  -2.772  -0.396  1.00 0.54 ? 23 ASN A HB2  1 
ATOM 346 H HB3  . ASN A 1 23 ? 11.844  -1.317  -1.021  1.00 0.53 ? 23 ASN A HB3  1 
ATOM 347 H HD21 . ASN A 1 23 ? 13.646  -0.862  0.265   1.00 1.64 ? 23 ASN A HD21 1 
ATOM 348 H HD22 . ASN A 1 23 ? 13.676  -0.937  1.960   1.00 1.17 ? 23 ASN A HD22 1 
ATOM 349 N N    . ASP A 1 24 ? 10.424  0.807   -1.632  1.00 0.45 ? 24 ASP A N    1 
ATOM 350 C CA   . ASP A 1 24 ? 10.636  2.247   -1.967  1.00 0.48 ? 24 ASP A CA   1 
ATOM 351 C C    . ASP A 1 24 ? 9.319   3.008   -1.788  1.00 0.43 ? 24 ASP A C    1 
ATOM 352 O O    . ASP A 1 24 ? 9.160   3.794   -0.875  1.00 0.44 ? 24 ASP A O    1 
ATOM 353 C CB   . ASP A 1 24 ? 11.095  2.361   -3.420  1.00 0.55 ? 24 ASP A CB   1 
ATOM 354 C CG   . ASP A 1 24 ? 11.692  3.748   -3.663  1.00 0.67 ? 24 ASP A CG   1 
ATOM 355 O OD1  . ASP A 1 24 ? 11.640  4.562   -2.756  1.00 1.34 ? 24 ASP A OD1  1 
ATOM 356 O OD2  . ASP A 1 24 ? 12.192  3.972   -4.754  1.00 1.25 ? 24 ASP A OD2  1 
ATOM 357 H H    . ASP A 1 24 ? 10.536  0.115   -2.320  1.00 0.50 ? 24 ASP A H    1 
ATOM 358 H HA   . ASP A 1 24 ? 11.388  2.666   -1.313  1.00 0.52 ? 24 ASP A HA   1 
ATOM 359 H HB2  . ASP A 1 24 ? 11.837  1.606   -3.620  1.00 0.59 ? 24 ASP A HB2  1 
ATOM 360 H HB3  . ASP A 1 24 ? 10.251  2.214   -4.074  1.00 0.53 ? 24 ASP A HB3  1 
ATOM 361 N N    . LEU A 1 25 ? 8.374   2.774   -2.655  1.00 0.41 ? 25 LEU A N    1 
ATOM 362 C CA   . LEU A 1 25 ? 7.063   3.470   -2.544  1.00 0.42 ? 25 LEU A CA   1 
ATOM 363 C C    . LEU A 1 25 ? 6.583   3.408   -1.088  1.00 0.39 ? 25 LEU A C    1 
ATOM 364 O O    . LEU A 1 25 ? 5.828   4.244   -0.625  1.00 0.47 ? 25 LEU A O    1 
ATOM 365 C CB   . LEU A 1 25 ? 6.059   2.760   -3.463  1.00 0.45 ? 25 LEU A CB   1 
ATOM 366 C CG   . LEU A 1 25 ? 4.622   3.094   -3.052  1.00 0.47 ? 25 LEU A CG   1 
ATOM 367 C CD1  . LEU A 1 25 ? 3.842   3.580   -4.275  1.00 0.63 ? 25 LEU A CD1  1 
ATOM 368 C CD2  . LEU A 1 25 ? 3.949   1.836   -2.495  1.00 0.62 ? 25 LEU A CD2  1 
ATOM 369 H H    . LEU A 1 25 ? 8.526   2.137   -3.381  1.00 0.43 ? 25 LEU A H    1 
ATOM 370 H HA   . LEU A 1 25 ? 7.173   4.496   -2.850  1.00 0.48 ? 25 LEU A HA   1 
ATOM 371 H HB2  . LEU A 1 25 ? 6.223   3.078   -4.482  1.00 0.54 ? 25 LEU A HB2  1 
ATOM 372 H HB3  . LEU A 1 25 ? 6.209   1.693   -3.396  1.00 0.45 ? 25 LEU A HB3  1 
ATOM 373 H HG   . LEU A 1 25 ? 4.630   3.867   -2.299  1.00 0.62 ? 25 LEU A HG   1 
ATOM 374 H HD11 . LEU A 1 25 ? 4.502   3.619   -5.129  1.00 1.29 ? 25 LEU A HD11 1 
ATOM 375 H HD12 . LEU A 1 25 ? 3.031   2.895   -4.477  1.00 1.21 ? 25 LEU A HD12 1 
ATOM 376 H HD13 . LEU A 1 25 ? 3.444   4.565   -4.080  1.00 1.20 ? 25 LEU A HD13 1 
ATOM 377 H HD21 . LEU A 1 25 ? 4.702   1.102   -2.250  1.00 1.17 ? 25 LEU A HD21 1 
ATOM 378 H HD22 . LEU A 1 25 ? 3.391   2.090   -1.606  1.00 1.30 ? 25 LEU A HD22 1 
ATOM 379 H HD23 . LEU A 1 25 ? 3.277   1.428   -3.237  1.00 1.21 ? 25 LEU A HD23 1 
ATOM 380 N N    . CYS A 1 26 ? 7.023   2.418   -0.367  1.00 0.37 ? 26 CYS A N    1 
ATOM 381 C CA   . CYS A 1 26 ? 6.616   2.267   1.043   1.00 0.39 ? 26 CYS A CA   1 
ATOM 382 C C    . CYS A 1 26 ? 7.309   3.334   1.891   1.00 0.40 ? 26 CYS A C    1 
ATOM 383 O O    . CYS A 1 26 ? 6.694   3.991   2.706   1.00 0.44 ? 26 CYS A O    1 
ATOM 384 C CB   . CYS A 1 26 ? 7.029   0.868   1.509   1.00 0.43 ? 26 CYS A CB   1 
ATOM 385 S SG   . CYS A 1 26 ? 5.690   -0.316  1.192   1.00 0.64 ? 26 CYS A SG   1 
ATOM 386 H H    . CYS A 1 26 ? 7.626   1.769   -0.752  1.00 0.42 ? 26 CYS A H    1 
ATOM 387 H HA   . CYS A 1 26 ? 5.553   2.377   1.117   1.00 0.42 ? 26 CYS A HA   1 
ATOM 388 H HB2  . CYS A 1 26 ? 7.910   0.563   0.967   1.00 0.41 ? 26 CYS A HB2  1 
ATOM 389 H HB3  . CYS A 1 26 ? 7.258   0.885   2.555   1.00 0.52 ? 26 CYS A HB3  1 
ATOM 390 N N    . LEU A 1 27 ? 8.586   3.517   1.696   1.00 0.43 ? 27 LEU A N    1 
ATOM 391 C CA   . LEU A 1 27 ? 9.321   4.541   2.474   1.00 0.49 ? 27 LEU A CA   1 
ATOM 392 C C    . LEU A 1 27 ? 8.620   5.885   2.302   1.00 0.51 ? 27 LEU A C    1 
ATOM 393 O O    . LEU A 1 27 ? 8.495   6.659   3.230   1.00 0.56 ? 27 LEU A O    1 
ATOM 394 C CB   . LEU A 1 27 ? 10.758  4.637   1.955   1.00 0.61 ? 27 LEU A CB   1 
ATOM 395 C CG   . LEU A 1 27 ? 11.617  3.568   2.633   1.00 1.31 ? 27 LEU A CG   1 
ATOM 396 C CD1  . LEU A 1 27 ? 12.828  3.251   1.754   1.00 1.92 ? 27 LEU A CD1  1 
ATOM 397 C CD2  . LEU A 1 27 ? 12.096  4.084   3.992   1.00 1.94 ? 27 LEU A CD2  1 
ATOM 398 H H    . LEU A 1 27 ? 9.056   2.989   1.035   1.00 0.44 ? 27 LEU A H    1 
ATOM 399 H HA   . LEU A 1 27 ? 9.328   4.263   3.514   1.00 0.51 ? 27 LEU A HA   1 
ATOM 400 H HB2  . LEU A 1 27 ? 10.765  4.480   0.886   1.00 1.24 ? 27 LEU A HB2  1 
ATOM 401 H HB3  . LEU A 1 27 ? 11.160  5.613   2.178   1.00 1.22 ? 27 LEU A HB3  1 
ATOM 402 H HG   . LEU A 1 27 ? 11.031  2.671   2.772   1.00 1.93 ? 27 LEU A HG   1 
ATOM 403 H HD11 . LEU A 1 27 ? 13.346  4.168   1.511   1.00 2.39 ? 27 LEU A HD11 1 
ATOM 404 H HD12 . LEU A 1 27 ? 13.498  2.592   2.286   1.00 2.38 ? 27 LEU A HD12 1 
ATOM 405 H HD13 . LEU A 1 27 ? 12.498  2.772   0.845   1.00 2.33 ? 27 LEU A HD13 1 
ATOM 406 H HD21 . LEU A 1 27 ? 11.502  4.937   4.282   1.00 2.34 ? 27 LEU A HD21 1 
ATOM 407 H HD22 . LEU A 1 27 ? 11.990  3.304   4.730   1.00 2.44 ? 27 LEU A HD22 1 
ATOM 408 H HD23 . LEU A 1 27 ? 13.134  4.375   3.921   1.00 2.42 ? 27 LEU A HD23 1 
ATOM 409 N N    . GLU A 1 28 ? 8.151   6.163   1.116   1.00 0.53 ? 28 GLU A N    1 
ATOM 410 C CA   . GLU A 1 28 ? 7.448   7.446   0.878   1.00 0.62 ? 28 GLU A CA   1 
ATOM 411 C C    . GLU A 1 28 ? 6.142   7.446   1.664   1.00 0.64 ? 28 GLU A C    1 
ATOM 412 O O    . GLU A 1 28 ? 5.685   8.464   2.143   1.00 0.77 ? 28 GLU A O    1 
ATOM 413 C CB   . GLU A 1 28 ? 7.150   7.604   -0.615  1.00 0.67 ? 28 GLU A CB   1 
ATOM 414 C CG   . GLU A 1 28 ? 8.059   8.684   -1.204  1.00 1.26 ? 28 GLU A CG   1 
ATOM 415 C CD   . GLU A 1 28 ? 7.764   8.841   -2.697  1.00 1.73 ? 28 GLU A CD   1 
ATOM 416 O OE1  . GLU A 1 28 ? 6.680   8.460   -3.109  1.00 2.41 ? 28 GLU A OE1  1 
ATOM 417 O OE2  . GLU A 1 28 ? 8.625   9.339   -3.402  1.00 2.27 ? 28 GLU A OE2  1 
ATOM 418 H H    . GLU A 1 28 ? 8.260   5.525   0.385   1.00 0.52 ? 28 GLU A H    1 
ATOM 419 H HA   . GLU A 1 28 ? 8.066   8.247   1.211   1.00 0.70 ? 28 GLU A HA   1 
ATOM 420 H HB2  . GLU A 1 28 ? 7.331   6.666   -1.119  1.00 0.85 ? 28 GLU A HB2  1 
ATOM 421 H HB3  . GLU A 1 28 ? 6.119   7.893   -0.748  1.00 0.91 ? 28 GLU A HB3  1 
ATOM 422 H HG2  . GLU A 1 28 ? 7.878   9.622   -0.699  1.00 1.84 ? 28 GLU A HG2  1 
ATOM 423 H HG3  . GLU A 1 28 ? 9.092   8.398   -1.072  1.00 1.82 ? 28 GLU A HG3  1 
ATOM 424 N N    . ARG A 1 29 ? 5.543   6.301   1.795   1.00 0.58 ? 29 ARG A N    1 
ATOM 425 C CA   . ARG A 1 29 ? 4.265   6.199   2.542   1.00 0.66 ? 29 ARG A CA   1 
ATOM 426 C C    . ARG A 1 29 ? 4.527   6.286   4.052   1.00 0.69 ? 29 ARG A C    1 
ATOM 427 O O    . ARG A 1 29 ? 3.616   6.181   4.846   1.00 0.98 ? 29 ARG A O    1 
ATOM 428 C CB   . ARG A 1 29 ? 3.590   4.866   2.216   1.00 0.71 ? 29 ARG A CB   1 
ATOM 429 C CG   . ARG A 1 29 ? 2.343   5.119   1.366   1.00 1.16 ? 29 ARG A CG   1 
ATOM 430 C CD   . ARG A 1 29 ? 2.640   4.775   -0.093  1.00 1.07 ? 29 ARG A CD   1 
ATOM 431 N NE   . ARG A 1 29 ? 2.542   6.013   -0.929  1.00 1.27 ? 29 ARG A NE   1 
ATOM 432 C CZ   . ARG A 1 29 ? 1.505   6.806   -0.847  1.00 1.82 ? 29 ARG A CZ   1 
ATOM 433 N NH1  . ARG A 1 29 ? 0.439   6.445   -0.181  1.00 2.27 ? 29 ARG A NH1  1 
ATOM 434 N NH2  . ARG A 1 29 ? 1.511   7.946   -1.485  1.00 2.54 ? 29 ARG A NH2  1 
ATOM 435 H H    . ARG A 1 29 ? 5.935   5.507   1.393   1.00 0.53 ? 29 ARG A H    1 
ATOM 436 H HA   . ARG A 1 29 ? 3.623   7.005   2.241   1.00 0.75 ? 29 ARG A HA   1 
ATOM 437 H HB2  . ARG A 1 29 ? 4.279   4.239   1.667   1.00 0.96 ? 29 ARG A HB2  1 
ATOM 438 H HB3  . ARG A 1 29 ? 3.306   4.373   3.132   1.00 1.02 ? 29 ARG A HB3  1 
ATOM 439 H HG2  . ARG A 1 29 ? 1.532   4.502   1.725   1.00 1.93 ? 29 ARG A HG2  1 
ATOM 440 H HG3  . ARG A 1 29 ? 2.064   6.160   1.438   1.00 1.76 ? 29 ARG A HG3  1 
ATOM 441 H HD2  . ARG A 1 29 ? 3.642   4.395   -0.173  1.00 1.52 ? 29 ARG A HD2  1 
ATOM 442 H HD3  . ARG A 1 29 ? 1.941   4.017   -0.434  1.00 1.66 ? 29 ARG A HD3  1 
ATOM 443 H HE   . ARG A 1 29 ? 3.293   6.261   -1.508  1.00 1.69 ? 29 ARG A HE   1 
ATOM 444 H HH11 . ARG A 1 29 ? 0.404   5.555   0.269   1.00 2.21 ? 29 ARG A HH11 1 
ATOM 445 H HH12 . ARG A 1 29 ? -0.344  7.064   -0.122  1.00 2.98 ? 29 ARG A HH12 1 
ATOM 446 H HH21 . ARG A 1 29 ? 2.307   8.207   -2.031  1.00 2.74 ? 29 ARG A HH21 1 
ATOM 447 H HH22 . ARG A 1 29 ? 0.722   8.556   -1.427  1.00 3.13 ? 29 ARG A HH22 1 
ATOM 448 N N    . LYS A 1 30 ? 5.765   6.474   4.445   1.00 0.54 ? 30 LYS A N    1 
ATOM 449 C CA   . LYS A 1 30 ? 6.110   6.571   5.902   1.00 0.59 ? 30 LYS A CA   1 
ATOM 450 C C    . LYS A 1 30 ? 6.272   5.174   6.496   1.00 0.59 ? 30 LYS A C    1 
ATOM 451 O O    . LYS A 1 30 ? 6.356   5.008   7.696   1.00 1.02 ? 30 LYS A O    1 
ATOM 452 C CB   . LYS A 1 30 ? 5.011   7.313   6.671   1.00 0.68 ? 30 LYS A CB   1 
ATOM 453 C CG   . LYS A 1 30 ? 5.504   7.619   8.088   1.00 1.03 ? 30 LYS A CG   1 
ATOM 454 C CD   . LYS A 1 30 ? 4.916   6.599   9.072   1.00 0.80 ? 30 LYS A CD   1 
ATOM 455 C CE   . LYS A 1 30 ? 4.114   7.333   10.147  1.00 1.14 ? 30 LYS A CE   1 
ATOM 456 N NZ   . LYS A 1 30 ? 4.845   7.263   11.445  1.00 1.75 ? 30 LYS A NZ   1 
ATOM 457 H H    . LYS A 1 30 ? 6.475   6.548   3.776   1.00 0.58 ? 30 LYS A H    1 
ATOM 458 H HA   . LYS A 1 30 ? 7.041   7.110   6.007   1.00 0.62 ? 30 LYS A HA   1 
ATOM 459 H HB2  . LYS A 1 30 ? 4.771   8.235   6.163   1.00 1.14 ? 30 LYS A HB2  1 
ATOM 460 H HB3  . LYS A 1 30 ? 4.131   6.693   6.733   1.00 1.15 ? 30 LYS A HB3  1 
ATOM 461 H HG2  . LYS A 1 30 ? 6.583   7.564   8.113   1.00 1.68 ? 30 LYS A HG2  1 
ATOM 462 H HG3  . LYS A 1 30 ? 5.189   8.612   8.372   1.00 1.73 ? 30 LYS A HG3  1 
ATOM 463 H HD2  . LYS A 1 30 ? 4.268   5.915   8.540   1.00 0.87 ? 30 LYS A HD2  1 
ATOM 464 H HD3  . LYS A 1 30 ? 5.717   6.044   9.538   1.00 0.91 ? 30 LYS A HD3  1 
ATOM 465 H HE2  . LYS A 1 30 ? 3.988   8.366   9.861   1.00 1.57 ? 30 LYS A HE2  1 
ATOM 466 H HE3  . LYS A 1 30 ? 3.145   6.868   10.254  1.00 1.57 ? 30 LYS A HE3  1 
ATOM 467 H HZ1  . LYS A 1 30 ? 5.291   6.330   11.541  1.00 2.26 ? 30 LYS A HZ1  1 
ATOM 468 H HZ2  . LYS A 1 30 ? 5.575   8.003   11.471  1.00 2.19 ? 30 LYS A HZ2  1 
ATOM 469 H HZ3  . LYS A 1 30 ? 4.175   7.407   12.228  1.00 2.15 ? 30 LYS A HZ3  1 
ATOM 470 N N    . ALA A 1 31 ? 6.314   4.165   5.680   1.00 0.50 ? 31 ALA A N    1 
ATOM 471 C CA   . ALA A 1 31 ? 6.462   2.792   6.227   1.00 0.45 ? 31 ALA A CA   1 
ATOM 472 C C    . ALA A 1 31 ? 7.937   2.421   6.335   1.00 0.47 ? 31 ALA A C    1 
ATOM 473 O O    . ALA A 1 31 ? 8.757   2.819   5.531   1.00 0.53 ? 31 ALA A O    1 
ATOM 474 C CB   . ALA A 1 31 ? 5.767   1.793   5.311   1.00 0.47 ? 31 ALA A CB   1 
ATOM 475 H H    . ALA A 1 31 ? 6.243   4.308   4.714   1.00 0.80 ? 31 ALA A H    1 
ATOM 476 H HA   . ALA A 1 31 ? 6.011   2.748   7.207   1.00 0.47 ? 31 ALA A HA   1 
ATOM 477 H HB1  . ALA A 1 31 ? 4.917   2.266   4.844   1.00 1.13 ? 31 ALA A HB1  1 
ATOM 478 H HB2  . ALA A 1 31 ? 6.458   1.461   4.551   1.00 1.08 ? 31 ALA A HB2  1 
ATOM 479 H HB3  . ALA A 1 31 ? 5.435   0.946   5.893   1.00 1.14 ? 31 ALA A HB3  1 
ATOM 480 N N    . ASP A 1 32 ? 8.270   1.649   7.325   1.00 0.49 ? 32 ASP A N    1 
ATOM 481 C CA   . ASP A 1 32 ? 9.669   1.219   7.516   1.00 0.57 ? 32 ASP A CA   1 
ATOM 482 C C    . ASP A 1 32 ? 10.061  0.276   6.383   1.00 0.56 ? 32 ASP A C    1 
ATOM 483 O O    . ASP A 1 32 ? 11.064  0.459   5.722   1.00 0.65 ? 32 ASP A O    1 
ATOM 484 C CB   . ASP A 1 32 ? 9.775   0.475   8.842   1.00 0.63 ? 32 ASP A CB   1 
ATOM 485 C CG   . ASP A 1 32 ? 11.209  0.554   9.367   1.00 0.79 ? 32 ASP A CG   1 
ATOM 486 O OD1  . ASP A 1 32 ? 12.102  0.778   8.566   1.00 1.37 ? 32 ASP A OD1  1 
ATOM 487 O OD2  . ASP A 1 32 ? 11.391  0.388   10.562  1.00 1.38 ? 32 ASP A OD2  1 
ATOM 488 H H    . ASP A 1 32 ? 7.590   1.344   7.947   1.00 0.49 ? 32 ASP A H    1 
ATOM 489 H HA   . ASP A 1 32 ? 10.313  2.079   7.526   1.00 0.65 ? 32 ASP A HA   1 
ATOM 490 H HB2  . ASP A 1 32 ? 9.100   0.922   9.554   1.00 0.62 ? 32 ASP A HB2  1 
ATOM 491 H HB3  . ASP A 1 32 ? 9.501   -0.555  8.693   1.00 0.64 ? 32 ASP A HB3  1 
ATOM 492 N N    . LYS A 1 33 ? 9.273   -0.740  6.161   1.00 0.49 ? 33 LYS A N    1 
ATOM 493 C CA   . LYS A 1 33 ? 9.599   -1.707  5.072   1.00 0.54 ? 33 LYS A CA   1 
ATOM 494 C C    . LYS A 1 33 ? 8.310   -2.159  4.384   1.00 0.40 ? 33 LYS A C    1 
ATOM 495 O O    . LYS A 1 33 ? 7.224   -1.961  4.890   1.00 0.47 ? 33 LYS A O    1 
ATOM 496 C CB   . LYS A 1 33 ? 10.312  -2.922  5.667   1.00 0.70 ? 33 LYS A CB   1 
ATOM 497 C CG   . LYS A 1 33 ? 9.668   -3.289  7.004   1.00 1.02 ? 33 LYS A CG   1 
ATOM 498 C CD   . LYS A 1 33 ? 9.374   -4.791  7.036   1.00 1.52 ? 33 LYS A CD   1 
ATOM 499 C CE   . LYS A 1 33 ? 10.662  -5.556  7.343   1.00 1.87 ? 33 LYS A CE   1 
ATOM 500 N NZ   . LYS A 1 33 ? 10.366  -7.016  7.418   1.00 2.55 ? 33 LYS A NZ   1 
ATOM 501 H H    . LYS A 1 33 ? 8.468   -0.865  6.716   1.00 0.45 ? 33 LYS A H    1 
ATOM 502 H HA   . LYS A 1 33 ? 10.244  -1.230  4.349   1.00 0.63 ? 33 LYS A HA   1 
ATOM 503 H HB2  . LYS A 1 33 ? 10.230  -3.757  4.985   1.00 1.03 ? 33 LYS A HB2  1 
ATOM 504 H HB3  . LYS A 1 33 ? 11.354  -2.687  5.823   1.00 1.18 ? 33 LYS A HB3  1 
ATOM 505 H HG2  . LYS A 1 33 ? 10.344  -3.037  7.809   1.00 1.66 ? 33 LYS A HG2  1 
ATOM 506 H HG3  . LYS A 1 33 ? 8.746   -2.741  7.123   1.00 1.63 ? 33 LYS A HG3  1 
ATOM 507 H HD2  . LYS A 1 33 ? 8.640   -4.997  7.800   1.00 2.01 ? 33 LYS A HD2  1 
ATOM 508 H HD3  . LYS A 1 33 ? 8.993   -5.103  6.075   1.00 2.04 ? 33 LYS A HD3  1 
ATOM 509 H HE2  . LYS A 1 33 ? 11.385  -5.375  6.561   1.00 2.24 ? 33 LYS A HE2  1 
ATOM 510 H HE3  . LYS A 1 33 ? 11.063  -5.222  8.288   1.00 2.17 ? 33 LYS A HE3  1 
ATOM 511 H HZ1  . LYS A 1 33 ? 9.706   -7.275  6.658   1.00 3.01 ? 33 LYS A HZ1  1 
ATOM 512 H HZ2  . LYS A 1 33 ? 11.248  -7.555  7.307   1.00 2.84 ? 33 LYS A HZ2  1 
ATOM 513 H HZ3  . LYS A 1 33 ? 9.938   -7.235  8.341   1.00 2.98 ? 33 LYS A HZ3  1 
ATOM 514 N N    . GLY A 1 34 ? 8.416   -2.765  3.231   1.00 0.34 ? 34 GLY A N    1 
ATOM 515 C CA   . GLY A 1 34 ? 7.188   -3.222  2.522   1.00 0.38 ? 34 GLY A CA   1 
ATOM 516 C C    . GLY A 1 34 ? 7.561   -4.027  1.278   1.00 0.38 ? 34 GLY A C    1 
ATOM 517 O O    . GLY A 1 34 ? 8.487   -3.697  0.564   1.00 0.48 ? 34 GLY A O    1 
ATOM 518 H H    . GLY A 1 34 ? 9.300   -2.918  2.835   1.00 0.40 ? 34 GLY A H    1 
ATOM 519 H HA2  . GLY A 1 34 ? 6.602   -3.839  3.181   1.00 0.44 ? 34 GLY A HA2  1 
ATOM 520 H HA3  . GLY A 1 34 ? 6.608   -2.364  2.227   1.00 0.45 ? 34 GLY A HA3  1 
ATOM 521 N N    . TYR A 1 35 ? 6.833   -5.078  1.009   1.00 0.36 ? 35 TYR A N    1 
ATOM 522 C CA   . TYR A 1 35 ? 7.130   -5.901  -0.195  1.00 0.38 ? 35 TYR A CA   1 
ATOM 523 C C    . TYR A 1 35 ? 5.929   -5.882  -1.127  1.00 0.35 ? 35 TYR A C    1 
ATOM 524 O O    . TYR A 1 35 ? 5.005   -5.115  -0.959  1.00 0.46 ? 35 TYR A O    1 
ATOM 525 C CB   . TYR A 1 35 ? 7.407   -7.349  0.204   1.00 0.44 ? 35 TYR A CB   1 
ATOM 526 C CG   . TYR A 1 35 ? 6.163   -7.950  0.815   1.00 0.51 ? 35 TYR A CG   1 
ATOM 527 C CD1  . TYR A 1 35 ? 5.760   -7.576  2.102   1.00 1.35 ? 35 TYR A CD1  1 
ATOM 528 C CD2  . TYR A 1 35 ? 5.410   -8.882  0.090   1.00 1.33 ? 35 TYR A CD2  1 
ATOM 529 C CE1  . TYR A 1 35 ? 4.606   -8.134  2.663   1.00 1.45 ? 35 TYR A CE1  1 
ATOM 530 C CE2  . TYR A 1 35 ? 4.256   -9.439  0.651   1.00 1.40 ? 35 TYR A CE2  1 
ATOM 531 C CZ   . TYR A 1 35 ? 3.853   -9.065  1.938   1.00 0.86 ? 35 TYR A CZ   1 
ATOM 532 O OH   . TYR A 1 35 ? 2.715   -9.616  2.493   1.00 1.07 ? 35 TYR A OH   1 
ATOM 533 H H    . TYR A 1 35 ? 6.085   -5.318  1.595   1.00 0.39 ? 35 TYR A H    1 
ATOM 534 H HA   . TYR A 1 35 ? 7.991   -5.497  -0.706  1.00 0.40 ? 35 TYR A HA   1 
ATOM 535 H HB2  . TYR A 1 35 ? 7.685   -7.914  -0.673  1.00 0.52 ? 35 TYR A HB2  1 
ATOM 536 H HB3  . TYR A 1 35 ? 8.209   -7.378  0.914   1.00 0.50 ? 35 TYR A HB3  1 
ATOM 537 H HD1  . TYR A 1 35 ? 6.339   -6.857  2.663   1.00 2.21 ? 35 TYR A HD1  1 
ATOM 538 H HD2  . TYR A 1 35 ? 5.719   -9.171  -0.903  1.00 2.20 ? 35 TYR A HD2  1 
ATOM 539 H HE1  . TYR A 1 35 ? 4.294   -7.845  3.654   1.00 2.33 ? 35 TYR A HE1  1 
ATOM 540 H HE2  . TYR A 1 35 ? 3.676   -10.158 0.091   1.00 2.27 ? 35 TYR A HE2  1 
ATOM 541 H HH   . TYR A 1 35 ? 2.988   -10.299 3.109   1.00 1.47 ? 35 TYR A HH   1 
ATOM 542 N N    . CYS A 1 36 ? 5.944   -6.726  -2.112  1.00 0.34 ? 36 CYS A N    1 
ATOM 543 C CA   . CYS A 1 36 ? 4.816   -6.773  -3.076  1.00 0.38 ? 36 CYS A CA   1 
ATOM 544 C C    . CYS A 1 36 ? 4.025   -8.067  -2.900  1.00 0.44 ? 36 CYS A C    1 
ATOM 545 O O    . CYS A 1 36 ? 4.422   -9.118  -3.362  1.00 0.56 ? 36 CYS A O    1 
ATOM 546 C CB   . CYS A 1 36 ? 5.387   -6.708  -4.486  1.00 0.45 ? 36 CYS A CB   1 
ATOM 547 S SG   . CYS A 1 36 ? 4.043   -6.595  -5.698  1.00 0.89 ? 36 CYS A SG   1 
ATOM 548 H H    . CYS A 1 36 ? 6.708   -7.328  -2.222  1.00 0.40 ? 36 CYS A H    1 
ATOM 549 H HA   . CYS A 1 36 ? 4.164   -5.930  -2.914  1.00 0.40 ? 36 CYS A HA   1 
ATOM 550 H HB2  . CYS A 1 36 ? 6.023   -5.844  -4.561  1.00 0.45 ? 36 CYS A HB2  1 
ATOM 551 H HB3  . CYS A 1 36 ? 5.969   -7.599  -4.677  1.00 0.66 ? 36 CYS A HB3  1 
ATOM 552 N N    . TYR A 1 37 ? 2.898   -7.996  -2.248  1.00 0.47 ? 37 TYR A N    1 
ATOM 553 C CA   . TYR A 1 37 ? 2.073   -9.217  -2.057  1.00 0.58 ? 37 TYR A CA   1 
ATOM 554 C C    . TYR A 1 37 ? 1.356   -9.526  -3.371  1.00 0.62 ? 37 TYR A C    1 
ATOM 555 O O    . TYR A 1 37 ? 0.289   -9.010  -3.644  1.00 0.68 ? 37 TYR A O    1 
ATOM 556 C CB   . TYR A 1 37 ? 1.044   -8.974  -0.951  1.00 0.66 ? 37 TYR A CB   1 
ATOM 557 C CG   . TYR A 1 37 ? 0.360   -10.275 -0.605  1.00 0.89 ? 37 TYR A CG   1 
ATOM 558 C CD1  . TYR A 1 37 ? 0.905   -11.113 0.374   1.00 1.63 ? 37 TYR A CD1  1 
ATOM 559 C CD2  . TYR A 1 37 ? -0.819  -10.643 -1.264  1.00 1.48 ? 37 TYR A CD2  1 
ATOM 560 C CE1  . TYR A 1 37 ? 0.272   -12.319 0.695   1.00 1.85 ? 37 TYR A CE1  1 
ATOM 561 C CE2  . TYR A 1 37 ? -1.454  -11.849 -0.943  1.00 1.67 ? 37 TYR A CE2  1 
ATOM 562 C CZ   . TYR A 1 37 ? -0.907  -12.687 0.036   1.00 1.47 ? 37 TYR A CZ   1 
ATOM 563 O OH   . TYR A 1 37 ? -1.532  -13.877 0.352   1.00 1.79 ? 37 TYR A OH   1 
ATOM 564 H H    . TYR A 1 37 ? 2.589   -7.135  -1.894  1.00 0.49 ? 37 TYR A H    1 
ATOM 565 H HA   . TYR A 1 37 ? 2.709   -10.047 -1.787  1.00 0.65 ? 37 TYR A HA   1 
ATOM 566 H HB2  . TYR A 1 37 ? 1.544   -8.586  -0.075  1.00 0.77 ? 37 TYR A HB2  1 
ATOM 567 H HB3  . TYR A 1 37 ? 0.310   -8.260  -1.291  1.00 0.64 ? 37 TYR A HB3  1 
ATOM 568 H HD1  . TYR A 1 37 ? 1.816   -10.830 0.882   1.00 2.34 ? 37 TYR A HD1  1 
ATOM 569 H HD2  . TYR A 1 37 ? -1.241  -9.995  -2.019  1.00 2.19 ? 37 TYR A HD2  1 
ATOM 570 H HE1  . TYR A 1 37 ? 0.693   -12.967 1.450   1.00 2.64 ? 37 TYR A HE1  1 
ATOM 571 H HE2  . TYR A 1 37 ? -2.363  -12.133 -1.451  1.00 2.40 ? 37 TYR A HE2  1 
ATOM 572 H HH   . TYR A 1 37 ? -0.874  -14.466 0.729   1.00 2.10 ? 37 TYR A HH   1 
ATOM 573 N N    . TRP A 1 38 ? 1.945   -10.348 -4.198  1.00 0.78 ? 38 TRP A N    1 
ATOM 574 C CA   . TRP A 1 38 ? 1.304   -10.673 -5.502  1.00 0.90 ? 38 TRP A CA   1 
ATOM 575 C C    . TRP A 1 38 ? -0.010  -11.421 -5.262  1.00 0.92 ? 38 TRP A C    1 
ATOM 576 O O    . TRP A 1 38 ? -1.016  -10.817 -4.950  1.00 1.13 ? 38 TRP A O    1 
ATOM 577 C CB   . TRP A 1 38 ? 2.255   -11.524 -6.349  1.00 1.16 ? 38 TRP A CB   1 
ATOM 578 C CG   . TRP A 1 38 ? 2.984   -10.640 -7.307  1.00 1.25 ? 38 TRP A CG   1 
ATOM 579 C CD1  . TRP A 1 38 ? 4.023   -9.834  -6.986  1.00 1.31 ? 38 TRP A CD1  1 
ATOM 580 C CD2  . TRP A 1 38 ? 2.748   -10.456 -8.732  1.00 1.64 ? 38 TRP A CD2  1 
ATOM 581 N NE1  . TRP A 1 38 ? 4.438   -9.168  -8.124  1.00 1.59 ? 38 TRP A NE1  1 
ATOM 582 C CE2  . TRP A 1 38 ? 3.684   -9.518  -9.227  1.00 1.82 ? 38 TRP A CE2  1 
ATOM 583 C CE3  . TRP A 1 38 ? 1.821   -11.008 -9.635  1.00 2.07 ? 38 TRP A CE3  1 
ATOM 584 C CZ2  . TRP A 1 38 ? 3.700   -9.140  -10.570 1.00 2.32 ? 38 TRP A CZ2  1 
ATOM 585 C CZ3  . TRP A 1 38 ? 1.835   -10.630 -10.987 1.00 2.60 ? 38 TRP A CZ3  1 
ATOM 586 C CH2  . TRP A 1 38 ? 2.771   -9.697  -11.454 1.00 2.70 ? 38 TRP A CH2  1 
ATOM 587 H H    . TRP A 1 38 ? 2.811   -10.742 -3.966  1.00 0.89 ? 38 TRP A H    1 
ATOM 588 H HA   . TRP A 1 38 ? 1.092   -9.752  -6.026  1.00 0.92 ? 38 TRP A HA   1 
ATOM 589 H HB2  . TRP A 1 38 ? 2.963   -12.025 -5.706  1.00 1.31 ? 38 TRP A HB2  1 
ATOM 590 H HB3  . TRP A 1 38 ? 1.688   -12.256 -6.903  1.00 1.35 ? 38 TRP A HB3  1 
ATOM 591 H HD1  . TRP A 1 38 ? 4.456   -9.729  -6.002  1.00 1.39 ? 38 TRP A HD1  1 
ATOM 592 H HE1  . TRP A 1 38 ? 5.175   -8.523  -8.165  1.00 1.77 ? 38 TRP A HE1  1 
ATOM 593 H HE3  . TRP A 1 38 ? 1.095   -11.727 -9.285  1.00 2.08 ? 38 TRP A HE3  1 
ATOM 594 H HZ2  . TRP A 1 38 ? 4.424   -8.421  -10.924 1.00 2.50 ? 38 TRP A HZ2  1 
ATOM 595 H HZ3  . TRP A 1 38 ? 1.118   -11.060 -11.672 1.00 2.99 ? 38 TRP A HZ3  1 
ATOM 596 H HH2  . TRP A 1 38 ? 2.777   -9.411  -12.495 1.00 3.14 ? 38 TRP A HH2  1 
ATOM 597 N N    . GLY A 1 39 ? -0.018  -12.726 -5.408  1.00 1.14 ? 39 GLY A N    1 
ATOM 598 C CA   . GLY A 1 39 ? -1.280  -13.493 -5.195  1.00 1.30 ? 39 GLY A CA   1 
ATOM 599 C C    . GLY A 1 39 ? -2.447  -12.708 -5.798  1.00 1.36 ? 39 GLY A C    1 
ATOM 600 O O    . GLY A 1 39 ? -3.568  -12.788 -5.337  1.00 1.75 ? 39 GLY A O    1 
ATOM 601 H H    . GLY A 1 39 ? 0.800   -13.200 -5.659  1.00 1.43 ? 39 GLY A H    1 
ATOM 602 H HA2  . GLY A 1 39 ? -1.203  -14.457 -5.677  1.00 1.41 ? 39 GLY A HA2  1 
ATOM 603 H HA3  . GLY A 1 39 ? -1.449  -13.627 -4.138  1.00 1.47 ? 39 GLY A HA3  1 
ATOM 604 N N    . LYS A 1 40 ? -2.183  -11.935 -6.818  1.00 1.63 ? 40 LYS A N    1 
ATOM 605 C CA   . LYS A 1 40 ? -3.266  -11.127 -7.439  1.00 1.99 ? 40 LYS A CA   1 
ATOM 606 C C    . LYS A 1 40 ? -3.718  -10.063 -6.436  1.00 1.67 ? 40 LYS A C    1 
ATOM 607 O O    . LYS A 1 40 ? -4.881  -9.968  -6.100  1.00 2.43 ? 40 LYS A O    1 
ATOM 608 C CB   . LYS A 1 40 ? -4.446  -12.036 -7.789  1.00 2.84 ? 40 LYS A CB   1 
ATOM 609 C CG   . LYS A 1 40 ? -5.406  -11.294 -8.721  1.00 3.56 ? 40 LYS A CG   1 
ATOM 610 C CD   . LYS A 1 40 ? -6.834  -11.424 -8.189  1.00 4.25 ? 40 LYS A CD   1 
ATOM 611 C CE   . LYS A 1 40 ? -7.797  -10.695 -9.129  1.00 4.99 ? 40 LYS A CE   1 
ATOM 612 N NZ   . LYS A 1 40 ? -9.104  -11.412 -9.155  1.00 5.52 ? 40 LYS A NZ   1 
ATOM 613 H H    . LYS A 1 40 ? -1.269  -11.877 -7.166  1.00 1.94 ? 40 LYS A H    1 
ATOM 614 H HA   . LYS A 1 40 ? -2.896  -10.649 -8.334  1.00 2.34 ? 40 LYS A HA   1 
ATOM 615 H HB2  . LYS A 1 40 ? -4.080  -12.926 -8.283  1.00 3.18 ? 40 LYS A HB2  1 
ATOM 616 H HB3  . LYS A 1 40 ? -4.968  -12.315 -6.886  1.00 3.09 ? 40 LYS A HB3  1 
ATOM 617 H HG2  . LYS A 1 40 ? -5.130  -10.251 -8.763  1.00 3.84 ? 40 LYS A HG2  1 
ATOM 618 H HG3  . LYS A 1 40 ? -5.352  -11.722 -9.710  1.00 3.83 ? 40 LYS A HG3  1 
ATOM 619 H HD2  . LYS A 1 40 ? -7.105  -12.469 -8.136  1.00 4.45 ? 40 LYS A HD2  1 
ATOM 620 H HD3  . LYS A 1 40 ? -6.895  -10.986 -7.205  1.00 4.50 ? 40 LYS A HD3  1 
ATOM 621 H HE2  . LYS A 1 40 ? -7.947  -9.686  -8.777  1.00 5.31 ? 40 LYS A HE2  1 
ATOM 622 H HE3  . LYS A 1 40 ? -7.379  -10.671 -10.124 1.00 5.23 ? 40 LYS A HE3  1 
ATOM 623 H HZ1  . LYS A 1 40 ? -9.220  -11.953 -8.274  1.00 5.71 ? 40 LYS A HZ1  1 
ATOM 624 H HZ2  . LYS A 1 40 ? -9.876  -10.723 -9.243  1.00 5.84 ? 40 LYS A HZ2  1 
ATOM 625 H HZ3  . LYS A 1 40 ? -9.128  -12.061 -9.967  1.00 5.75 ? 40 LYS A HZ3  1 
ATOM 626 N N    . VAL A 1 41 ? -2.802  -9.270  -5.940  1.00 1.18 ? 41 VAL A N    1 
ATOM 627 C CA   . VAL A 1 41 ? -3.187  -8.229  -4.947  1.00 1.70 ? 41 VAL A CA   1 
ATOM 628 C C    . VAL A 1 41 ? -2.443  -6.913  -5.231  1.00 1.05 ? 41 VAL A C    1 
ATOM 629 O O    . VAL A 1 41 ? -2.788  -6.192  -6.146  1.00 0.82 ? 41 VAL A O    1 
ATOM 630 C CB   . VAL A 1 41 ? -2.858  -8.737  -3.543  1.00 2.81 ? 41 VAL A CB   1 
ATOM 631 C CG1  . VAL A 1 41 ? -3.356  -7.732  -2.505  1.00 3.77 ? 41 VAL A CG1  1 
ATOM 632 C CG2  . VAL A 1 41 ? -3.549  -10.084 -3.317  1.00 3.24 ? 41 VAL A CG2  1 
ATOM 633 H H    . VAL A 1 41 ? -1.866  -9.368  -6.213  1.00 1.21 ? 41 VAL A H    1 
ATOM 634 H HA   . VAL A 1 41 ? -4.251  -8.053  -5.018  1.00 2.35 ? 41 VAL A HA   1 
ATOM 635 H HB   . VAL A 1 41 ? -1.790  -8.859  -3.443  1.00 3.16 ? 41 VAL A HB   1 
ATOM 636 H HG11 . VAL A 1 41 ? -3.644  -6.818  -2.998  1.00 4.17 ? 41 VAL A HG11 1 
ATOM 637 H HG12 . VAL A 1 41 ? -4.205  -8.142  -1.985  1.00 4.18 ? 41 VAL A HG12 1 
ATOM 638 H HG13 . VAL A 1 41 ? -2.569  -7.526  -1.800  1.00 4.13 ? 41 VAL A HG13 1 
ATOM 639 H HG21 . VAL A 1 41 ? -4.566  -10.031 -3.674  1.00 3.43 ? 41 VAL A HG21 1 
ATOM 640 H HG22 . VAL A 1 41 ? -3.018  -10.854 -3.855  1.00 3.74 ? 41 VAL A HG22 1 
ATOM 641 H HG23 . VAL A 1 41 ? -3.550  -10.316 -2.263  1.00 3.45 ? 41 VAL A HG23 1 
ATOM 642 N N    . SER A 1 42 ? -1.436  -6.580  -4.456  1.00 0.87 ? 42 SER A N    1 
ATOM 643 C CA   . SER A 1 42 ? -0.705  -5.297  -4.697  1.00 0.47 ? 42 SER A CA   1 
ATOM 644 C C    . SER A 1 42 ? 0.484   -5.181  -3.734  1.00 0.41 ? 42 SER A C    1 
ATOM 645 O O    . SER A 1 42 ? 0.873   -6.133  -3.087  1.00 0.47 ? 42 SER A O    1 
ATOM 646 C CB   . SER A 1 42 ? -1.662  -4.125  -4.461  1.00 0.87 ? 42 SER A CB   1 
ATOM 647 O OG   . SER A 1 42 ? -2.497  -3.960  -5.600  1.00 1.28 ? 42 SER A OG   1 
ATOM 648 H H    . SER A 1 42 ? -1.167  -7.162  -3.715  1.00 1.15 ? 42 SER A H    1 
ATOM 649 H HA   . SER A 1 42 ? -0.344  -5.265  -5.718  1.00 0.67 ? 42 SER A HA   1 
ATOM 650 H HB2  . SER A 1 42 ? -2.277  -4.329  -3.601  1.00 1.29 ? 42 SER A HB2  1 
ATOM 651 H HB3  . SER A 1 42 ? -1.093  -3.223  -4.286  1.00 1.22 ? 42 SER A HB3  1 
ATOM 652 H HG   . SER A 1 42 ? -3.369  -4.296  -5.380  1.00 1.75 ? 42 SER A HG   1 
ATOM 653 N N    . CYS A 1 43 ? 1.064   -4.012  -3.643  1.00 0.41 ? 43 CYS A N    1 
ATOM 654 C CA   . CYS A 1 43 ? 2.234   -3.808  -2.734  1.00 0.37 ? 43 CYS A CA   1 
ATOM 655 C C    . CYS A 1 43 ? 1.834   -4.079  -1.282  1.00 0.39 ? 43 CYS A C    1 
ATOM 656 O O    . CYS A 1 43 ? 0.712   -4.435  -0.984  1.00 0.71 ? 43 CYS A O    1 
ATOM 657 C CB   . CYS A 1 43 ? 2.704   -2.350  -2.827  1.00 0.40 ? 43 CYS A CB   1 
ATOM 658 S SG   . CYS A 1 43 ? 4.210   -2.205  -3.827  1.00 0.48 ? 43 CYS A SG   1 
ATOM 659 H H    . CYS A 1 43 ? 0.735   -3.265  -4.182  1.00 0.51 ? 43 CYS A H    1 
ATOM 660 H HA   . CYS A 1 43 ? 3.032   -4.467  -3.021  1.00 0.37 ? 43 CYS A HA   1 
ATOM 661 H HB2  . CYS A 1 43 ? 1.925   -1.754  -3.279  1.00 0.52 ? 43 CYS A HB2  1 
ATOM 662 H HB3  . CYS A 1 43 ? 2.901   -1.979  -1.832  1.00 0.48 ? 43 CYS A HB3  1 
ATOM 663 N N    . TYR A 1 44 ? 2.756   -3.881  -0.378  1.00 0.35 ? 44 TYR A N    1 
ATOM 664 C CA   . TYR A 1 44 ? 2.463   -4.086  1.071   1.00 0.33 ? 44 TYR A CA   1 
ATOM 665 C C    . TYR A 1 44 ? 3.502   -3.333  1.899   1.00 0.30 ? 44 TYR A C    1 
ATOM 666 O O    . TYR A 1 44 ? 4.684   -3.606  1.822   1.00 0.38 ? 44 TYR A O    1 
ATOM 667 C CB   . TYR A 1 44 ? 2.520   -5.571  1.429   1.00 0.39 ? 44 TYR A CB   1 
ATOM 668 C CG   . TYR A 1 44 ? 1.605   -5.827  2.604   1.00 0.39 ? 44 TYR A CG   1 
ATOM 669 C CD1  . TYR A 1 44 ? 0.246   -6.062  2.380   1.00 0.46 ? 44 TYR A CD1  1 
ATOM 670 C CD2  . TYR A 1 44 ? 2.108   -5.824  3.915   1.00 0.50 ? 44 TYR A CD2  1 
ATOM 671 C CE1  . TYR A 1 44 ? -0.614  -6.293  3.457   1.00 0.52 ? 44 TYR A CE1  1 
ATOM 672 C CE2  . TYR A 1 44 ? 1.247   -6.057  4.994   1.00 0.56 ? 44 TYR A CE2  1 
ATOM 673 C CZ   . TYR A 1 44 ? -0.115  -6.291  4.764   1.00 0.53 ? 44 TYR A CZ   1 
ATOM 674 O OH   . TYR A 1 44 ? -0.964  -6.522  5.828   1.00 0.62 ? 44 TYR A OH   1 
ATOM 675 H H    . TYR A 1 44 ? 3.647   -3.575  -0.656  1.00 0.58 ? 44 TYR A H    1 
ATOM 676 H HA   . TYR A 1 44 ? 1.479   -3.698  1.295   1.00 0.35 ? 44 TYR A HA   1 
ATOM 677 H HB2  . TYR A 1 44 ? 2.196   -6.160  0.582   1.00 0.46 ? 44 TYR A HB2  1 
ATOM 678 H HB3  . TYR A 1 44 ? 3.530   -5.842  1.693   1.00 0.40 ? 44 TYR A HB3  1 
ATOM 679 H HD1  . TYR A 1 44 ? -0.138  -6.064  1.374   1.00 0.56 ? 44 TYR A HD1  1 
ATOM 680 H HD2  . TYR A 1 44 ? 3.157   -5.640  4.097   1.00 0.61 ? 44 TYR A HD2  1 
ATOM 681 H HE1  . TYR A 1 44 ? -1.663  -6.472  3.277   1.00 0.64 ? 44 TYR A HE1  1 
ATOM 682 H HE2  . TYR A 1 44 ? 1.633   -6.055  6.002   1.00 0.70 ? 44 TYR A HE2  1 
ATOM 683 H HH   . TYR A 1 44 ? -1.841  -6.687  5.477   1.00 1.08 ? 44 TYR A HH   1 
ATOM 684 N N    . CYS A 1 45 ? 3.079   -2.385  2.688   1.00 0.28 ? 45 CYS A N    1 
ATOM 685 C CA   . CYS A 1 45 ? 4.058   -1.623  3.510   1.00 0.27 ? 45 CYS A CA   1 
ATOM 686 C C    . CYS A 1 45 ? 4.027   -2.115  4.954   1.00 0.28 ? 45 CYS A C    1 
ATOM 687 O O    . CYS A 1 45 ? 3.226   -2.948  5.336   1.00 0.31 ? 45 CYS A O    1 
ATOM 688 C CB   . CYS A 1 45 ? 3.710   -0.133  3.497   1.00 0.27 ? 45 CYS A CB   1 
ATOM 689 S SG   . CYS A 1 45 ? 4.002   0.576   1.854   1.00 0.40 ? 45 CYS A SG   1 
ATOM 690 H H    . CYS A 1 45 ? 2.123   -2.175  2.737   1.00 0.34 ? 45 CYS A H    1 
ATOM 691 H HA   . CYS A 1 45 ? 5.050   -1.763  3.111   1.00 0.30 ? 45 CYS A HA   1 
ATOM 692 H HB2  . CYS A 1 45 ? 2.675   -0.008  3.763   1.00 0.37 ? 45 CYS A HB2  1 
ATOM 693 H HB3  . CYS A 1 45 ? 4.324   0.377   4.219   1.00 0.33 ? 45 CYS A HB3  1 
ATOM 694 N N    . TYR A 1 46 ? 4.898   -1.572  5.752   1.00 0.30 ? 46 TYR A N    1 
ATOM 695 C CA   . TYR A 1 46 ? 4.975   -1.945  7.189   1.00 0.35 ? 46 TYR A CA   1 
ATOM 696 C C    . TYR A 1 46 ? 5.405   -0.700  7.964   1.00 0.37 ? 46 TYR A C    1 
ATOM 697 O O    . TYR A 1 46 ? 6.583   -0.434  8.111   1.00 0.43 ? 46 TYR A O    1 
ATOM 698 C CB   . TYR A 1 46 ? 6.033   -3.034  7.383   1.00 0.41 ? 46 TYR A CB   1 
ATOM 699 C CG   . TYR A 1 46 ? 5.507   -4.378  6.934   1.00 0.42 ? 46 TYR A CG   1 
ATOM 700 C CD1  . TYR A 1 46 ? 5.631   -4.765  5.597   1.00 1.16 ? 46 TYR A CD1  1 
ATOM 701 C CD2  . TYR A 1 46 ? 4.914   -5.243  7.858   1.00 1.17 ? 46 TYR A CD2  1 
ATOM 702 C CE1  . TYR A 1 46 ? 5.160   -6.018  5.184   1.00 1.21 ? 46 TYR A CE1  1 
ATOM 703 C CE2  . TYR A 1 46 ? 4.439   -6.494  7.447   1.00 1.22 ? 46 TYR A CE2  1 
ATOM 704 C CZ   . TYR A 1 46 ? 4.562   -6.882  6.110   1.00 0.66 ? 46 TYR A CZ   1 
ATOM 705 O OH   . TYR A 1 46 ? 4.099   -8.117  5.707   1.00 0.83 ? 46 TYR A OH   1 
ATOM 706 H H    . TYR A 1 46 ? 5.508   -0.894  5.399   1.00 0.33 ? 46 TYR A H    1 
ATOM 707 H HA   . TYR A 1 46 ? 4.014   -2.290  7.539   1.00 0.35 ? 46 TYR A HA   1 
ATOM 708 H HB2  . TYR A 1 46 ? 6.903   -2.782  6.800   1.00 0.47 ? 46 TYR A HB2  1 
ATOM 709 H HB3  . TYR A 1 46 ? 6.304   -3.087  8.427   1.00 0.49 ? 46 TYR A HB3  1 
ATOM 710 H HD1  . TYR A 1 46 ? 6.087   -4.099  4.887   1.00 1.93 ? 46 TYR A HD1  1 
ATOM 711 H HD2  . TYR A 1 46 ? 4.820   -4.948  8.885   1.00 1.94 ? 46 TYR A HD2  1 
ATOM 712 H HE1  . TYR A 1 46 ? 5.255   -6.317  4.151   1.00 1.99 ? 46 TYR A HE1  1 
ATOM 713 H HE2  . TYR A 1 46 ? 3.980   -7.159  8.163   1.00 2.00 ? 46 TYR A HE2  1 
ATOM 714 H HH   . TYR A 1 46 ? 3.655   -8.526  6.454   1.00 1.21 ? 46 TYR A HH   1 
ATOM 715 N N    . GLY A 1 47 ? 4.465   0.073   8.442   1.00 0.39 ? 47 GLY A N    1 
ATOM 716 C CA   . GLY A 1 47 ? 4.825   1.315   9.192   1.00 0.44 ? 47 GLY A CA   1 
ATOM 717 C C    . GLY A 1 47 ? 3.982   2.496   8.690   1.00 0.41 ? 47 GLY A C    1 
ATOM 718 O O    . GLY A 1 47 ? 4.247   3.636   9.016   1.00 0.53 ? 47 GLY A O    1 
ATOM 719 H H    . GLY A 1 47 ? 3.525   -0.162  8.302   1.00 0.42 ? 47 GLY A H    1 
ATOM 720 H HA2  . GLY A 1 47 ? 4.640   1.171   10.245  1.00 0.48 ? 47 GLY A HA2  1 
ATOM 721 H HA3  . GLY A 1 47 ? 5.870   1.536   9.038   1.00 0.47 ? 47 GLY A HA3  1 
ATOM 722 N N    . LEU A 1 48 ? 2.968   2.237   7.907   1.00 0.39 ? 48 LEU A N    1 
ATOM 723 C CA   . LEU A 1 48 ? 2.116   3.349   7.399   1.00 0.42 ? 48 LEU A CA   1 
ATOM 724 C C    . LEU A 1 48 ? 1.512   4.105   8.587   1.00 0.47 ? 48 LEU A C    1 
ATOM 725 O O    . LEU A 1 48 ? 1.418   3.569   9.672   1.00 0.49 ? 48 LEU A O    1 
ATOM 726 C CB   . LEU A 1 48 ? 0.990   2.772   6.537   1.00 0.39 ? 48 LEU A CB   1 
ATOM 727 C CG   . LEU A 1 48 ? 1.587   1.878   5.449   1.00 0.40 ? 48 LEU A CG   1 
ATOM 728 C CD1  . LEU A 1 48 ? 0.462   1.293   4.593   1.00 0.56 ? 48 LEU A CD1  1 
ATOM 729 C CD2  . LEU A 1 48 ? 2.519   2.709   4.566   1.00 0.63 ? 48 LEU A CD2  1 
ATOM 730 H H    . LEU A 1 48 ? 2.762   1.316   7.656   1.00 0.46 ? 48 LEU A H    1 
ATOM 731 H HA   . LEU A 1 48 ? 2.716   4.025   6.807   1.00 0.50 ? 48 LEU A HA   1 
ATOM 732 H HB2  . LEU A 1 48 ? 0.326   2.188   7.158   1.00 0.39 ? 48 LEU A HB2  1 
ATOM 733 H HB3  . LEU A 1 48 ? 0.439   3.577   6.076   1.00 0.45 ? 48 LEU A HB3  1 
ATOM 734 H HG   . LEU A 1 48 ? 2.144   1.075   5.909   1.00 0.40 ? 48 LEU A HG   1 
ATOM 735 H HD11 . LEU A 1 48 ? -0.188  2.088   4.260   1.00 1.19 ? 48 LEU A HD11 1 
ATOM 736 H HD12 . LEU A 1 48 ? 0.887   0.793   3.736   1.00 1.22 ? 48 LEU A HD12 1 
ATOM 737 H HD13 . LEU A 1 48 ? -0.105  0.586   5.179   1.00 1.17 ? 48 LEU A HD13 1 
ATOM 738 H HD21 . LEU A 1 48 ? 3.291   3.153   5.175   1.00 1.26 ? 48 LEU A HD21 1 
ATOM 739 H HD22 . LEU A 1 48 ? 2.970   2.072   3.818   1.00 1.19 ? 48 LEU A HD22 1 
ATOM 740 H HD23 . LEU A 1 48 ? 1.952   3.489   4.078   1.00 1.23 ? 48 LEU A HD23 1 
ATOM 741 N N    . PRO A 1 49 ? 1.121   5.330   8.345   1.00 0.56 ? 49 PRO A N    1 
ATOM 742 C CA   . PRO A 1 49 ? 0.520   6.180   9.389   1.00 0.65 ? 49 PRO A CA   1 
ATOM 743 C C    . PRO A 1 49 ? -0.756  5.530   9.931   1.00 0.64 ? 49 PRO A C    1 
ATOM 744 O O    . PRO A 1 49 ? -1.423  4.782   9.245   1.00 0.60 ? 49 PRO A O    1 
ATOM 745 C CB   . PRO A 1 49 ? 0.192   7.501   8.679   1.00 0.77 ? 49 PRO A CB   1 
ATOM 746 C CG   . PRO A 1 49 ? 0.654   7.372   7.205   1.00 0.76 ? 49 PRO A CG   1 
ATOM 747 C CD   . PRO A 1 49 ? 1.243   5.963   7.021   1.00 0.63 ? 49 PRO A CD   1 
ATOM 748 H HA   . PRO A 1 49 ? 1.224   6.356   10.185  1.00 0.71 ? 49 PRO A HA   1 
ATOM 749 H HB2  . PRO A 1 49 ? -0.875  7.680   8.717   1.00 0.79 ? 49 PRO A HB2  1 
ATOM 750 H HB3  . PRO A 1 49 ? 0.718   8.314   9.154   1.00 0.88 ? 49 PRO A HB3  1 
ATOM 751 H HG2  . PRO A 1 49 ? -0.189  7.508   6.543   1.00 0.78 ? 49 PRO A HG2  1 
ATOM 752 H HG3  . PRO A 1 49 ? 1.412   8.111   6.992   1.00 0.86 ? 49 PRO A HG3  1 
ATOM 753 H HD2  . PRO A 1 49 ? 0.676   5.414   6.283   1.00 0.59 ? 49 PRO A HD2  1 
ATOM 754 H HD3  . PRO A 1 49 ? 2.281   6.024   6.733   1.00 0.67 ? 49 PRO A HD3  1 
ATOM 755 N N    . ASP A 1 50 ? -1.101  5.811   11.159  1.00 0.74 ? 50 ASP A N    1 
ATOM 756 C CA   . ASP A 1 50 ? -2.327  5.217   11.741  1.00 0.81 ? 50 ASP A CA   1 
ATOM 757 C C    . ASP A 1 50 ? -3.514  5.519   10.835  1.00 0.83 ? 50 ASP A C    1 
ATOM 758 O O    . ASP A 1 50 ? -4.150  4.635   10.298  1.00 0.86 ? 50 ASP A O    1 
ATOM 759 C CB   . ASP A 1 50 ? -2.570  5.818   13.121  1.00 0.96 ? 50 ASP A CB   1 
ATOM 760 C CG   . ASP A 1 50 ? -2.355  4.747   14.193  1.00 1.06 ? 50 ASP A CG   1 
ATOM 761 O OD1  . ASP A 1 50 ? -3.135  3.810   14.230  1.00 1.57 ? 50 ASP A OD1  1 
ATOM 762 O OD2  . ASP A 1 50 ? -1.415  4.883   14.957  1.00 1.30 ? 50 ASP A OD2  1 
ATOM 763 H H    . ASP A 1 50 ? -0.555  6.413   11.697  1.00 0.80 ? 50 ASP A H    1 
ATOM 764 H HA   . ASP A 1 50 ? -2.207  4.165   11.829  1.00 0.82 ? 50 ASP A HA   1 
ATOM 765 H HB2  . ASP A 1 50 ? -1.882  6.636   13.284  1.00 0.97 ? 50 ASP A HB2  1 
ATOM 766 H HB3  . ASP A 1 50 ? -3.578  6.181   13.175  1.00 1.09 ? 50 ASP A HB3  1 
ATOM 767 N N    . ASN A 1 51 ? -3.809  6.768   10.669  1.00 0.88 ? 51 ASN A N    1 
ATOM 768 C CA   . ASN A 1 51 ? -4.939  7.174   9.814   1.00 0.97 ? 51 ASN A CA   1 
ATOM 769 C C    . ASN A 1 51 ? -4.633  6.844   8.351   1.00 0.84 ? 51 ASN A C    1 
ATOM 770 O O    . ASN A 1 51 ? -5.476  6.977   7.486   1.00 0.90 ? 51 ASN A O    1 
ATOM 771 C CB   . ASN A 1 51 ? -5.148  8.677   9.971   1.00 1.18 ? 51 ASN A CB   1 
ATOM 772 C CG   . ASN A 1 51 ? -3.800  9.395   9.898   1.00 1.27 ? 51 ASN A CG   1 
ATOM 773 O OD1  . ASN A 1 51 ? -2.790  8.792   9.597   1.00 1.24 ? 51 ASN A OD1  1 
ATOM 774 N ND2  . ASN A 1 51 ? -3.746  10.672  10.157  1.00 1.53 ? 51 ASN A ND2  1 
ATOM 775 H H    . ASN A 1 51 ? -3.285  7.447   11.115  1.00 0.91 ? 51 ASN A H    1 
ATOM 776 H HA   . ASN A 1 51 ? -5.822  6.655   10.126  1.00 1.05 ? 51 ASN A HA   1 
ATOM 777 H HB2  . ASN A 1 51 ? -5.780  9.030   9.184   1.00 1.29 ? 51 ASN A HB2  1 
ATOM 778 H HB3  . ASN A 1 51 ? -5.610  8.880   10.925  1.00 1.31 ? 51 ASN A HB3  1 
ATOM 779 H HD21 . ASN A 1 51 ? -4.564  11.157  10.394  1.00 1.62 ? 51 ASN A HD21 1 
ATOM 780 H HD22 . ASN A 1 51 ? -2.890  11.146  10.115  1.00 1.70 ? 51 ASN A HD22 1 
ATOM 781 N N    . SER A 1 52 ? -3.433  6.415   8.070   1.00 0.72 ? 52 SER A N    1 
ATOM 782 C CA   . SER A 1 52 ? -3.064  6.073   6.666   1.00 0.63 ? 52 SER A CA   1 
ATOM 783 C C    . SER A 1 52 ? -4.224  5.321   5.998   1.00 0.55 ? 52 SER A C    1 
ATOM 784 O O    . SER A 1 52 ? -4.468  4.172   6.308   1.00 0.55 ? 52 SER A O    1 
ATOM 785 C CB   . SER A 1 52 ? -1.823  5.178   6.675   1.00 0.61 ? 52 SER A CB   1 
ATOM 786 O OG   . SER A 1 52 ? -1.326  5.054   5.349   1.00 0.84 ? 52 SER A OG   1 
ATOM 787 H H    . SER A 1 52 ? -2.772  6.318   8.785   1.00 0.73 ? 52 SER A H    1 
ATOM 788 H HA   . SER A 1 52 ? -2.847  6.978   6.121   1.00 0.74 ? 52 SER A HA   1 
ATOM 789 H HB2  . SER A 1 52 ? -1.063  5.618   7.299   1.00 0.73 ? 52 SER A HB2  1 
ATOM 790 H HB3  . SER A 1 52 ? -2.086  4.204   7.065   1.00 0.69 ? 52 SER A HB3  1 
ATOM 791 H HG   . SER A 1 52 ? -2.064  5.159   4.745   1.00 1.22 ? 52 SER A HG   1 
ATOM 792 N N    . PRO A 1 53 ? -4.906  5.992   5.102   1.00 0.60 ? 53 PRO A N    1 
ATOM 793 C CA   . PRO A 1 53 ? -6.045  5.394   4.383   1.00 0.65 ? 53 PRO A CA   1 
ATOM 794 C C    . PRO A 1 53 ? -5.595  4.151   3.610   1.00 0.57 ? 53 PRO A C    1 
ATOM 795 O O    . PRO A 1 53 ? -4.909  4.243   2.611   1.00 0.59 ? 53 PRO A O    1 
ATOM 796 C CB   . PRO A 1 53 ? -6.520  6.489   3.417   1.00 0.83 ? 53 PRO A CB   1 
ATOM 797 C CG   . PRO A 1 53 ? -5.625  7.734   3.641   1.00 0.88 ? 53 PRO A CG   1 
ATOM 798 C CD   . PRO A 1 53 ? -4.602  7.385   4.731   1.00 0.74 ? 53 PRO A CD   1 
ATOM 799 H HA   . PRO A 1 53 ? -6.836  5.144   5.071   1.00 0.70 ? 53 PRO A HA   1 
ATOM 800 H HB2  . PRO A 1 53 ? -6.426  6.143   2.397   1.00 0.88 ? 53 PRO A HB2  1 
ATOM 801 H HB3  . PRO A 1 53 ? -7.548  6.742   3.626   1.00 0.92 ? 53 PRO A HB3  1 
ATOM 802 H HG2  . PRO A 1 53 ? -5.114  7.987   2.721   1.00 0.97 ? 53 PRO A HG2  1 
ATOM 803 H HG3  . PRO A 1 53 ? -6.230  8.568   3.964   1.00 0.98 ? 53 PRO A HG3  1 
ATOM 804 H HD2  . PRO A 1 53 ? -3.597  7.463   4.341   1.00 0.78 ? 53 PRO A HD2  1 
ATOM 805 H HD3  . PRO A 1 53 ? -4.726  8.032   5.587   1.00 0.79 ? 53 PRO A HD3  1 
ATOM 806 N N    . THR A 1 54 ? -5.976  2.989   4.066   1.00 0.57 ? 54 THR A N    1 
ATOM 807 C CA   . THR A 1 54 ? -5.575  1.739   3.359   1.00 0.53 ? 54 THR A CA   1 
ATOM 808 C C    . THR A 1 54 ? -6.828  1.005   2.878   1.00 0.56 ? 54 THR A C    1 
ATOM 809 O O    . THR A 1 54 ? -7.928  1.296   3.304   1.00 0.65 ? 54 THR A O    1 
ATOM 810 C CB   . THR A 1 54 ? -4.793  0.841   4.319   1.00 0.56 ? 54 THR A CB   1 
ATOM 811 O OG1  . THR A 1 54 ? -5.642  0.435   5.384   1.00 0.67 ? 54 THR A OG1  1 
ATOM 812 C CG2  . THR A 1 54 ? -3.598  1.610   4.883   1.00 0.59 ? 54 THR A CG2  1 
ATOM 813 H H    . THR A 1 54 ? -6.529  2.938   4.872   1.00 0.66 ? 54 THR A H    1 
ATOM 814 H HA   . THR A 1 54 ? -4.955  1.988   2.511   1.00 0.51 ? 54 THR A HA   1 
ATOM 815 H HB   . THR A 1 54 ? -4.437  -0.030  3.789   1.00 0.55 ? 54 THR A HB   1 
ATOM 816 H HG1  . THR A 1 54 ? -6.386  -0.038  5.005   1.00 1.11 ? 54 THR A HG1  1 
ATOM 817 H HG21 . THR A 1 54 ? -3.186  2.249   4.114   1.00 1.17 ? 54 THR A HG21 1 
ATOM 818 H HG22 . THR A 1 54 ? -3.921  2.214   5.718   1.00 1.14 ? 54 THR A HG22 1 
ATOM 819 H HG23 . THR A 1 54 ? -2.843  0.912   5.212   1.00 1.18 ? 54 THR A HG23 1 
ATOM 820 N N    . LYS A 1 55 ? -6.670  0.058   1.994   1.00 0.53 ? 55 LYS A N    1 
ATOM 821 C CA   . LYS A 1 55 ? -7.851  -0.693  1.484   1.00 0.59 ? 55 LYS A CA   1 
ATOM 822 C C    . LYS A 1 55 ? -8.790  -1.026  2.646   1.00 0.75 ? 55 LYS A C    1 
ATOM 823 O O    . LYS A 1 55 ? -8.436  -1.750  3.555   1.00 0.96 ? 55 LYS A O    1 
ATOM 824 C CB   . LYS A 1 55 ? -7.383  -1.990  0.820   1.00 0.66 ? 55 LYS A CB   1 
ATOM 825 C CG   . LYS A 1 55 ? -8.505  -2.550  -0.056  1.00 1.00 ? 55 LYS A CG   1 
ATOM 826 C CD   . LYS A 1 55 ? -8.879  -1.522  -1.126  1.00 0.90 ? 55 LYS A CD   1 
ATOM 827 C CE   . LYS A 1 55 ? -9.522  -2.234  -2.316  1.00 1.14 ? 55 LYS A CE   1 
ATOM 828 N NZ   . LYS A 1 55 ? -10.204 -1.233  -3.186  1.00 0.99 ? 55 LYS A NZ   1 
ATOM 829 H H    . LYS A 1 55 ? -5.775  -0.157  1.662   1.00 0.51 ? 55 LYS A H    1 
ATOM 830 H HA   . LYS A 1 55 ? -8.372  -0.088  0.760   1.00 0.57 ? 55 LYS A HA   1 
ATOM 831 H HB2  . LYS A 1 55 ? -6.514  -1.789  0.211   1.00 0.96 ? 55 LYS A HB2  1 
ATOM 832 H HB3  . LYS A 1 55 ? -7.129  -2.713  1.582   1.00 0.95 ? 55 LYS A HB3  1 
ATOM 833 H HG2  . LYS A 1 55 ? -8.170  -3.460  -0.532  1.00 1.59 ? 55 LYS A HG2  1 
ATOM 834 H HG3  . LYS A 1 55 ? -9.369  -2.760  0.556   1.00 1.66 ? 55 LYS A HG3  1 
ATOM 835 H HD2  . LYS A 1 55 ? -9.576  -0.809  -0.711  1.00 1.50 ? 55 LYS A HD2  1 
ATOM 836 H HD3  . LYS A 1 55 ? -7.990  -1.005  -1.455  1.00 1.43 ? 55 LYS A HD3  1 
ATOM 837 H HE2  . LYS A 1 55 ? -8.760  -2.745  -2.886  1.00 1.75 ? 55 LYS A HE2  1 
ATOM 838 H HE3  . LYS A 1 55 ? -10.245 -2.951  -1.958  1.00 1.79 ? 55 LYS A HE3  1 
ATOM 839 H HZ1  . LYS A 1 55 ? -9.647  -0.355  -3.205  1.00 1.00 ? 55 LYS A HZ1  1 
ATOM 840 H HZ2  . LYS A 1 55 ? -10.287 -1.609  -4.150  1.00 1.26 ? 55 LYS A HZ2  1 
ATOM 841 H HZ3  . LYS A 1 55 ? -11.152 -1.034  -2.807  1.00 1.25 ? 55 LYS A HZ3  1 
ATOM 842 N N    . THR A 1 56 ? -9.984  -0.500  2.624   1.00 0.85 ? 56 THR A N    1 
ATOM 843 C CA   . THR A 1 56 ? -10.944 -0.785  3.728   1.00 1.06 ? 56 THR A CA   1 
ATOM 844 C C    . THR A 1 56 ? -11.926 -1.871  3.286   1.00 1.19 ? 56 THR A C    1 
ATOM 845 O O    . THR A 1 56 ? -11.651 -3.050  3.388   1.00 1.49 ? 56 THR A O    1 
ATOM 846 C CB   . THR A 1 56 ? -11.704 0.496   4.083   1.00 1.31 ? 56 THR A CB   1 
ATOM 847 O OG1  . THR A 1 56 ? -10.794 1.452   4.608   1.00 1.53 ? 56 THR A OG1  1 
ATOM 848 C CG2  . THR A 1 56 ? -12.777 0.185   5.128   1.00 1.61 ? 56 THR A CG2  1 
ATOM 849 H H    . THR A 1 56 ? -10.250 0.082   1.883   1.00 0.92 ? 56 THR A H    1 
ATOM 850 H HA   . THR A 1 56 ? -10.406 -1.129  4.591   1.00 1.17 ? 56 THR A HA   1 
ATOM 851 H HB   . THR A 1 56 ? -12.174 0.894   3.198   1.00 1.38 ? 56 THR A HB   1 
ATOM 852 H HG1  . THR A 1 56 ? -11.305 2.159   5.010   1.00 1.79 ? 56 THR A HG1  1 
ATOM 853 H HG21 . THR A 1 56 ? -13.022 -0.866  5.092   1.00 1.92 ? 56 THR A HG21 1 
ATOM 854 H HG22 . THR A 1 56 ? -12.405 0.434   6.111   1.00 1.92 ? 56 THR A HG22 1 
ATOM 855 H HG23 . THR A 1 56 ? -13.662 0.768   4.920   1.00 2.09 ? 56 THR A HG23 1 
ATOM 856 N N    . SER A 1 57 ? -13.064 -1.482  2.794   1.00 1.40 ? 57 SER A N    1 
ATOM 857 C CA   . SER A 1 57 ? -14.062 -2.478  2.343   1.00 1.70 ? 57 SER A CA   1 
ATOM 858 C C    . SER A 1 57 ? -14.770 -1.962  1.089   1.00 1.73 ? 57 SER A C    1 
ATOM 859 O O    . SER A 1 57 ? -15.969 -1.770  1.075   1.00 2.17 ? 57 SER A O    1 
ATOM 860 C CB   . SER A 1 57 ? -15.089 -2.716  3.452   1.00 2.27 ? 57 SER A CB   1 
ATOM 861 O OG   . SER A 1 57 ? -15.573 -1.465  3.919   1.00 2.51 ? 57 SER A OG   1 
ATOM 862 H H    . SER A 1 57 ? -13.258 -0.540  2.720   1.00 1.57 ? 57 SER A H    1 
ATOM 863 H HA   . SER A 1 57 ? -13.558 -3.395  2.117   1.00 1.82 ? 57 SER A HA   1 
ATOM 864 H HB2  . SER A 1 57 ? -15.913 -3.293  3.064   1.00 2.55 ? 57 SER A HB2  1 
ATOM 865 H HB3  . SER A 1 57 ? -14.623 -3.260  4.262   1.00 2.49 ? 57 SER A HB3  1 
ATOM 866 H HG   . SER A 1 57 ? -16.353 -1.237  3.408   1.00 2.84 ? 57 SER A HG   1 
ATOM 867 N N    . GLY A 1 58 ? -14.034 -1.735  0.035   1.00 1.57 ? 58 GLY A N    1 
ATOM 868 C CA   . GLY A 1 58 ? -14.662 -1.230  -1.219  1.00 2.00 ? 58 GLY A CA   1 
ATOM 869 C C    . GLY A 1 58 ? -13.738 -1.517  -2.404  1.00 1.49 ? 58 GLY A C    1 
ATOM 870 O O    . GLY A 1 58 ? -12.886 -2.382  -2.344  1.00 1.56 ? 58 GLY A O    1 
ATOM 871 H H    . GLY A 1 58 ? -13.068 -1.896  0.068   1.00 1.41 ? 58 GLY A H    1 
ATOM 872 H HA2  . GLY A 1 58 ? -15.611 -1.726  -1.371  1.00 2.53 ? 58 GLY A HA2  1 
ATOM 873 H HA3  . GLY A 1 58 ? -14.820 -0.165  -1.141  1.00 2.53 ? 58 GLY A HA3  1 
ATOM 874 N N    . LYS A 1 59 ? -13.899 -0.799  -3.483  1.00 1.52 ? 59 LYS A N    1 
ATOM 875 C CA   . LYS A 1 59 ? -13.029 -1.034  -4.669  1.00 1.52 ? 59 LYS A CA   1 
ATOM 876 C C    . LYS A 1 59 ? -12.411 0.290   -5.121  1.00 1.36 ? 59 LYS A C    1 
ATOM 877 O O    . LYS A 1 59 ? -12.862 1.355   -4.748  1.00 2.00 ? 59 LYS A O    1 
ATOM 878 C CB   . LYS A 1 59 ? -13.867 -1.619  -5.808  1.00 2.15 ? 59 LYS A CB   1 
ATOM 879 C CG   . LYS A 1 59 ? -14.870 -2.627  -5.242  1.00 2.72 ? 59 LYS A CG   1 
ATOM 880 C CD   . LYS A 1 59 ? -15.902 -2.977  -6.316  1.00 3.34 ? 59 LYS A CD   1 
ATOM 881 C CE   . LYS A 1 59 ? -16.514 -4.345  -6.011  1.00 4.10 ? 59 LYS A CE   1 
ATOM 882 N NZ   . LYS A 1 59 ? -16.937 -4.995  -7.283  1.00 4.77 ? 59 LYS A NZ   1 
ATOM 883 H H    . LYS A 1 59 ? -14.592 -0.107  -3.512  1.00 1.90 ? 59 LYS A H    1 
ATOM 884 H HA   . LYS A 1 59 ? -12.243 -1.728  -4.407  1.00 1.65 ? 59 LYS A HA   1 
ATOM 885 H HB2  . LYS A 1 59 ? -14.398 -0.823  -6.309  1.00 2.48 ? 59 LYS A HB2  1 
ATOM 886 H HB3  . LYS A 1 59 ? -13.218 -2.119  -6.513  1.00 2.59 ? 59 LYS A HB3  1 
ATOM 887 H HG2  . LYS A 1 59 ? -14.347 -3.523  -4.937  1.00 3.07 ? 59 LYS A HG2  1 
ATOM 888 H HG3  . LYS A 1 59 ? -15.373 -2.195  -4.390  1.00 3.05 ? 59 LYS A HG3  1 
ATOM 889 H HD2  . LYS A 1 59 ? -16.679 -2.227  -6.326  1.00 3.59 ? 59 LYS A HD2  1 
ATOM 890 H HD3  . LYS A 1 59 ? -15.419 -3.009  -7.281  1.00 3.61 ? 59 LYS A HD3  1 
ATOM 891 H HE2  . LYS A 1 59 ? -15.781 -4.965  -5.516  1.00 4.43 ? 59 LYS A HE2  1 
ATOM 892 H HE3  . LYS A 1 59 ? -17.373 -4.220  -5.368  1.00 4.34 ? 59 LYS A HE3  1 
ATOM 893 H HZ1  . LYS A 1 59 ? -16.144 -4.983  -7.957  1.00 4.99 ? 59 LYS A HZ1  1 
ATOM 894 H HZ2  . LYS A 1 59 ? -17.217 -5.977  -7.095  1.00 5.12 ? 59 LYS A HZ2  1 
ATOM 895 H HZ3  . LYS A 1 59 ? -17.743 -4.477  -7.687  1.00 5.09 ? 59 LYS A HZ3  1 
ATOM 896 N N    . CYS A 1 60 ? -11.382 0.234   -5.921  1.00 1.18 ? 60 CYS A N    1 
ATOM 897 C CA   . CYS A 1 60 ? -10.735 1.490   -6.396  1.00 1.05 ? 60 CYS A CA   1 
ATOM 898 C C    . CYS A 1 60 ? -11.664 2.198   -7.385  1.00 1.05 ? 60 CYS A C    1 
ATOM 899 O O    . CYS A 1 60 ? -11.590 1.991   -8.580  1.00 1.26 ? 60 CYS A O    1 
ATOM 900 C CB   . CYS A 1 60 ? -9.414  1.149   -7.089  1.00 1.12 ? 60 CYS A CB   1 
ATOM 901 S SG   . CYS A 1 60 ? -8.763  2.626   -7.910  1.00 1.26 ? 60 CYS A SG   1 
ATOM 902 H H    . CYS A 1 60 ? -11.033 -0.635  -6.209  1.00 1.66 ? 60 CYS A H    1 
ATOM 903 H HA   . CYS A 1 60 ? -10.545 2.138   -5.554  1.00 1.11 ? 60 CYS A HA   1 
ATOM 904 H HB2  . CYS A 1 60 ? -8.702  0.802   -6.355  1.00 1.19 ? 60 CYS A HB2  1 
ATOM 905 H HB3  . CYS A 1 60 ? -9.581  0.375   -7.823  1.00 1.28 ? 60 CYS A HB3  1 
ATOM 906 N N    . ASN A 1 61 ? -12.539 3.034   -6.896  1.00 1.13 ? 61 ASN A N    1 
ATOM 907 C CA   . ASN A 1 61 ? -13.473 3.756   -7.807  1.00 1.34 ? 61 ASN A CA   1 
ATOM 908 C C    . ASN A 1 61 ? -12.899 5.143   -8.131  1.00 1.67 ? 61 ASN A C    1 
ATOM 909 O O    . ASN A 1 61 ? -12.810 5.988   -7.262  1.00 2.14 ? 61 ASN A O    1 
ATOM 910 C CB   . ASN A 1 61 ? -14.827 3.920   -7.114  1.00 1.77 ? 61 ASN A CB   1 
ATOM 911 C CG   . ASN A 1 61 ? -15.937 3.979   -8.166  1.00 2.24 ? 61 ASN A CG   1 
ATOM 912 O OD1  . ASN A 1 61 ? -15.683 3.818   -9.343  1.00 2.63 ? 61 ASN A OD1  1 
ATOM 913 N ND2  . ASN A 1 61 ? -17.166 4.205   -7.788  1.00 2.82 ? 61 ASN A ND2  1 
ATOM 914 H H    . ASN A 1 61 ? -12.583 3.188   -5.929  1.00 1.24 ? 61 ASN A H    1 
ATOM 915 H HA   . ASN A 1 61 ? -13.601 3.187   -8.713  1.00 1.42 ? 61 ASN A HA   1 
ATOM 916 H HB2  . ASN A 1 61 ? -14.998 3.080   -6.455  1.00 2.11 ? 61 ASN A HB2  1 
ATOM 917 H HB3  . ASN A 1 61 ? -14.830 4.834   -6.540  1.00 2.04 ? 61 ASN A HB3  1 
ATOM 918 H HD21 . ASN A 1 61 ? -17.370 4.335   -6.839  1.00 3.04 ? 61 ASN A HD21 1 
ATOM 919 H HD22 . ASN A 1 61 ? -17.884 4.245   -8.454  1.00 3.31 ? 61 ASN A HD22 1 
ATOM 920 N N    . PRO A 1 62 ? -12.523 5.341   -9.373  1.00 1.94 ? 62 PRO A N    1 
ATOM 921 C CA   . PRO A 1 62 ? -11.955 6.627   -9.821  1.00 2.55 ? 62 PRO A CA   1 
ATOM 922 C C    . PRO A 1 62 ? -12.965 7.759   -9.605  1.00 2.79 ? 62 PRO A C    1 
ATOM 923 O O    . PRO A 1 62 ? -14.160 7.541   -9.577  1.00 3.03 ? 62 PRO A O    1 
ATOM 924 C CB   . PRO A 1 62 ? -11.674 6.432   -11.318 1.00 3.04 ? 62 PRO A CB   1 
ATOM 925 C CG   . PRO A 1 62 ? -12.094 4.988   -11.693 1.00 2.95 ? 62 PRO A CG   1 
ATOM 926 C CD   . PRO A 1 62 ? -12.633 4.313   -10.423 1.00 2.19 ? 62 PRO A CD   1 
ATOM 927 H HA   . PRO A 1 62 ? -11.036 6.835   -9.300  1.00 2.84 ? 62 PRO A HA   1 
ATOM 928 H HB2  . PRO A 1 62 ? -12.249 7.146   -11.893 1.00 3.28 ? 62 PRO A HB2  1 
ATOM 929 H HB3  . PRO A 1 62 ? -10.622 6.564   -11.514 1.00 3.49 ? 62 PRO A HB3  1 
ATOM 930 H HG2  . PRO A 1 62 ? -12.864 5.017   -12.450 1.00 3.22 ? 62 PRO A HG2  1 
ATOM 931 H HG3  . PRO A 1 62 ? -11.240 4.441   -12.060 1.00 3.38 ? 62 PRO A HG3  1 
ATOM 932 H HD2  . PRO A 1 62 ? -13.665 4.022   -10.562 1.00 2.22 ? 62 PRO A HD2  1 
ATOM 933 H HD3  . PRO A 1 62 ? -12.030 3.456   -10.167 1.00 2.22 ? 62 PRO A HD3  1 
ATOM 934 N N    . ALA A 1 63 ? -12.491 8.966   -9.451  1.00 3.25 ? 63 ALA A N    1 
ATOM 935 C CA   . ALA A 1 63 ? -13.421 10.110  -9.237  1.00 3.80 ? 63 ALA A CA   1 
ATOM 936 C C    . ALA A 1 63 ? -14.095 9.972   -7.870  1.00 4.20 ? 63 ALA A C    1 
ATOM 937 O O    . ALA A 1 63 ? -14.188 10.971  -7.174  1.00 4.57 ? 63 ALA A O    1 
ATOM 938 C CB   . ALA A 1 63 ? -14.487 10.116  -10.333 1.00 4.41 ? 63 ALA A CB   1 
ATOM 939 O OXT  . ALA A 1 63 ? -14.505 8.871   -7.543  1.00 4.60 ? 63 ALA A OXT  1 
ATOM 940 H H    . ALA A 1 63 ? -11.523 9.119   -9.477  1.00 3.52 ? 63 ALA A H    1 
ATOM 941 H HA   . ALA A 1 63 ? -12.864 11.036  -9.271  1.00 4.03 ? 63 ALA A HA   1 
ATOM 942 H HB1  . ALA A 1 63 ? -14.100 9.625   -11.214 1.00 4.76 ? 63 ALA A HB1  1 
ATOM 943 H HB2  . ALA A 1 63 ? -15.364 9.591   -9.985  1.00 4.62 ? 63 ALA A HB2  1 
ATOM 944 H HB3  . ALA A 1 63 ? -14.749 11.135  -10.574 1.00 4.78 ? 63 ALA A HB3  1 
# 
